data_7KH7
#
_entry.id   7KH7
#
_cell.length_a   69.922
_cell.length_b   92.085
_cell.length_c   101.645
_cell.angle_alpha   90.000
_cell.angle_beta   90.000
_cell.angle_gamma   90.000
#
_symmetry.space_group_name_H-M   'P 21 21 21'
#
loop_
_entity.id
_entity.type
_entity.pdbx_description
1 polymer 'Ketol-acid reductoisomerase (NADP(+))'
2 non-polymer 'NADP NICOTINAMIDE-ADENINE-DINUCLEOTIDE PHOSPHATE'
3 non-polymer 'NADPH DIHYDRO-NICOTINAMIDE-ADENINE-DINUCLEOTIDE PHOSPHATE'
4 non-polymer 'MAGNESIUM ION'
5 non-polymer 6-hydroxy-2-methyl[1,3]thiazolo[4,5-d]pyrimidine-5,7(4H,6H)-dione
6 water water
#
_entity_poly.entity_id   1
_entity_poly.type   'polypeptide(L)'
_entity_poly.pdbx_seq_one_letter_code
;MTTVYYDQDVKTDALQGKKIAVVGYGSQGHAHAQNLKDNGYDVVIGIRPGRSFDKAKEDGFDVFPVAEAVKQADVIMVLL
PDEIQGDVYKNEIEPNLEKHNALAFAHGFNIHFGVIQPPADVDVFLVAPKGPGHLVRRTFVEGSAVPSLFGIQQDASGQA
RNIALSYAKGIGATRAGVIETTFKEETETDLFGEQAVLCGGVSKLIQSGFETLVEAGYQPELAYFEVLHEMKLIVDLMYE
GGMENVRYSISNTAEFGDYVSGPRVITPDVKENMKAVLTDIQNGNFSNRFIEDNKNGFKEFYKLREEQHGHQIEKVGREL
REMMPFIKSKSIEKHHHHHH
;
_entity_poly.pdbx_strand_id   A,B
#
loop_
_chem_comp.id
_chem_comp.type
_chem_comp.name
_chem_comp.formula
MG non-polymer 'MAGNESIUM ION' 'Mg 2'
NAP non-polymer 'NADP NICOTINAMIDE-ADENINE-DINUCLEOTIDE PHOSPHATE' 'C21 H28 N7 O17 P3'
NDP non-polymer 'NADPH DIHYDRO-NICOTINAMIDE-ADENINE-DINUCLEOTIDE PHOSPHATE' 'C21 H30 N7 O17 P3'
WBY non-polymer 6-hydroxy-2-methyl[1,3]thiazolo[4,5-d]pyrimidine-5,7(4H,6H)-dione 'C6 H5 N3 O3 S'
#
# COMPACT_ATOMS: atom_id res chain seq x y z
N THR A 2 -3.12 23.10 16.72
CA THR A 2 -3.70 22.08 15.84
C THR A 2 -5.15 21.82 16.20
N THR A 3 -6.04 21.98 15.21
CA THR A 3 -7.46 21.74 15.39
C THR A 3 -7.98 20.99 14.16
N VAL A 4 -8.58 19.83 14.39
CA VAL A 4 -9.10 18.99 13.30
C VAL A 4 -10.60 19.20 13.21
N TYR A 5 -11.04 19.73 12.07
CA TYR A 5 -12.46 19.96 11.82
C TYR A 5 -13.12 18.72 11.24
N TYR A 6 -14.38 18.53 11.59
CA TYR A 6 -15.17 17.40 11.10
C TYR A 6 -16.53 17.91 10.64
N ASP A 7 -17.48 17.00 10.44
CA ASP A 7 -18.81 17.38 9.99
C ASP A 7 -19.52 18.27 11.01
N GLN A 8 -19.30 18.03 12.30
CA GLN A 8 -19.93 18.81 13.34
C GLN A 8 -19.25 20.15 13.56
N ASP A 9 -18.00 20.30 13.14
CA ASP A 9 -17.23 21.52 13.34
C ASP A 9 -17.63 22.65 12.39
N VAL A 10 -18.50 22.38 11.42
CA VAL A 10 -18.94 23.38 10.46
C VAL A 10 -20.44 23.54 10.58
N LYS A 11 -20.90 24.75 10.90
CA LYS A 11 -22.32 25.05 11.05
C LYS A 11 -22.89 25.80 9.85
N THR A 12 -22.26 26.92 9.48
CA THR A 12 -22.74 27.72 8.36
C THR A 12 -22.48 27.01 7.04
N ASP A 13 -23.34 27.29 6.06
CA ASP A 13 -23.17 26.84 4.69
C ASP A 13 -23.08 28.10 3.82
N ALA A 14 -21.85 28.58 3.62
CA ALA A 14 -21.60 29.81 2.87
C ALA A 14 -21.43 29.57 1.37
N LEU A 15 -21.91 28.42 0.87
CA LEU A 15 -21.84 28.12 -0.55
C LEU A 15 -23.20 27.80 -1.16
N GLN A 16 -24.29 27.89 -0.40
CA GLN A 16 -25.60 27.57 -0.94
C GLN A 16 -26.03 28.60 -1.99
N GLY A 17 -25.89 29.89 -1.66
CA GLY A 17 -26.27 30.94 -2.59
C GLY A 17 -25.10 31.46 -3.40
N LYS A 18 -24.10 30.62 -3.61
CA LYS A 18 -22.89 31.00 -4.33
C LYS A 18 -22.61 29.98 -5.43
N LYS A 19 -22.29 30.47 -6.62
CA LYS A 19 -21.97 29.62 -7.75
C LYS A 19 -20.49 29.26 -7.75
N ILE A 20 -20.19 28.04 -8.17
CA ILE A 20 -18.84 27.50 -8.18
C ILE A 20 -18.43 27.19 -9.61
N ALA A 21 -17.21 27.57 -9.97
CA ALA A 21 -16.64 27.29 -11.27
C ALA A 21 -15.38 26.47 -11.06
N VAL A 22 -15.47 25.16 -11.30
CA VAL A 22 -14.32 24.27 -11.23
C VAL A 22 -13.61 24.34 -12.58
N VAL A 23 -12.66 25.26 -12.73
CA VAL A 23 -11.96 25.37 -14.01
C VAL A 23 -10.93 24.26 -14.08
N GLY A 24 -11.09 23.39 -15.07
CA GLY A 24 -10.34 22.15 -15.17
C GLY A 24 -11.23 20.96 -14.85
N TYR A 25 -10.94 19.84 -15.51
CA TYR A 25 -11.71 18.61 -15.33
C TYR A 25 -10.80 17.39 -15.44
N GLY A 26 -9.72 17.39 -14.66
CA GLY A 26 -8.78 16.29 -14.68
C GLY A 26 -8.92 15.36 -13.49
N SER A 27 -7.81 15.08 -12.80
CA SER A 27 -7.85 14.19 -11.65
CA SER A 27 -7.85 14.19 -11.65
C SER A 27 -8.69 14.78 -10.52
N GLN A 28 -8.39 16.02 -10.13
CA GLN A 28 -9.15 16.71 -9.09
C GLN A 28 -10.33 17.49 -9.66
N GLY A 29 -10.32 17.80 -10.95
CA GLY A 29 -11.39 18.60 -11.53
C GLY A 29 -12.74 17.89 -11.46
N HIS A 30 -12.79 16.65 -11.92
CA HIS A 30 -14.04 15.89 -11.86
C HIS A 30 -14.36 15.44 -10.44
N ALA A 31 -13.36 15.35 -9.56
CA ALA A 31 -13.62 14.98 -8.18
C ALA A 31 -14.36 16.09 -7.44
N HIS A 32 -13.86 17.33 -7.55
CA HIS A 32 -14.51 18.43 -6.86
C HIS A 32 -15.87 18.75 -7.49
N ALA A 33 -16.02 18.57 -8.80
CA ALA A 33 -17.26 18.92 -9.45
C ALA A 33 -18.39 17.97 -9.07
N GLN A 34 -18.15 16.66 -9.22
CA GLN A 34 -19.17 15.65 -8.94
C GLN A 34 -19.50 15.56 -7.46
N ASN A 35 -18.57 15.92 -6.57
CA ASN A 35 -18.85 15.84 -5.14
C ASN A 35 -19.76 16.96 -4.67
N LEU A 36 -19.69 18.13 -5.28
CA LEU A 36 -20.52 19.26 -4.88
C LEU A 36 -21.93 19.13 -5.45
N TYR A 41 -25.23 22.00 -4.78
CA TYR A 41 -24.58 23.25 -5.18
C TYR A 41 -24.48 23.36 -6.70
N ASP A 42 -24.97 24.47 -7.25
CA ASP A 42 -24.92 24.69 -8.69
C ASP A 42 -23.50 25.04 -9.10
N VAL A 43 -22.81 24.08 -9.73
CA VAL A 43 -21.42 24.23 -10.10
C VAL A 43 -21.30 24.23 -11.62
N VAL A 44 -20.40 25.07 -12.14
CA VAL A 44 -20.08 25.11 -13.56
C VAL A 44 -18.61 24.75 -13.74
N ILE A 45 -18.23 24.49 -14.99
CA ILE A 45 -16.87 24.08 -15.32
C ILE A 45 -16.34 25.00 -16.41
N GLY A 46 -15.21 25.65 -16.15
CA GLY A 46 -14.54 26.45 -17.14
C GLY A 46 -13.40 25.68 -17.80
N ILE A 47 -13.71 24.96 -18.87
CA ILE A 47 -12.76 24.07 -19.54
C ILE A 47 -12.60 24.53 -20.98
N ARG A 48 -11.37 24.44 -21.48
CA ARG A 48 -11.11 24.73 -22.87
C ARG A 48 -11.71 23.66 -23.76
N PRO A 49 -11.84 23.93 -25.06
CA PRO A 49 -12.33 22.89 -25.98
C PRO A 49 -11.31 21.76 -26.09
N GLY A 50 -11.74 20.55 -25.76
CA GLY A 50 -10.85 19.41 -25.84
C GLY A 50 -11.48 18.16 -25.26
N ARG A 51 -10.63 17.28 -24.74
CA ARG A 51 -11.08 15.96 -24.28
C ARG A 51 -11.82 16.06 -22.95
N SER A 52 -11.27 16.82 -22.00
CA SER A 52 -11.95 17.02 -20.73
C SER A 52 -13.27 17.76 -20.92
N PHE A 53 -13.34 18.65 -21.92
CA PHE A 53 -14.61 19.27 -22.28
C PHE A 53 -15.67 18.21 -22.58
N ASP A 54 -15.29 17.23 -23.40
CA ASP A 54 -16.23 16.16 -23.75
C ASP A 54 -16.58 15.31 -22.53
N LYS A 55 -15.58 14.90 -21.75
CA LYS A 55 -15.84 14.03 -20.62
C LYS A 55 -16.57 14.74 -19.48
N ALA A 56 -16.57 16.07 -19.46
CA ALA A 56 -17.39 16.82 -18.52
C ALA A 56 -18.79 17.07 -19.05
N LYS A 57 -18.94 17.20 -20.37
CA LYS A 57 -20.28 17.27 -20.94
C LYS A 57 -21.00 15.93 -20.83
N GLU A 58 -20.25 14.83 -20.79
CA GLU A 58 -20.85 13.51 -20.68
C GLU A 58 -21.33 13.21 -19.26
N ASP A 59 -20.73 13.83 -18.25
CA ASP A 59 -21.12 13.60 -16.87
C ASP A 59 -22.32 14.45 -16.44
N GLY A 60 -22.92 15.20 -17.35
CA GLY A 60 -24.07 16.01 -17.01
C GLY A 60 -23.70 17.32 -16.34
N PHE A 61 -22.85 18.07 -17.00
CA PHE A 61 -22.44 19.32 -16.47
C PHE A 61 -22.67 20.44 -17.44
N ASP A 62 -22.51 21.65 -16.94
CA ASP A 62 -22.54 22.82 -17.81
C ASP A 62 -21.12 23.26 -18.08
N VAL A 63 -20.72 23.21 -19.36
CA VAL A 63 -19.36 23.51 -19.79
C VAL A 63 -19.32 24.89 -20.43
N PHE A 64 -18.32 25.67 -20.06
CA PHE A 64 -18.08 27.01 -20.58
C PHE A 64 -16.59 27.22 -20.72
N PRO A 65 -16.17 28.20 -21.53
CA PRO A 65 -14.76 28.60 -21.49
C PRO A 65 -14.40 29.18 -20.13
N VAL A 66 -13.09 29.26 -19.88
CA VAL A 66 -12.62 29.75 -18.58
C VAL A 66 -13.06 31.19 -18.35
N ALA A 67 -12.88 32.04 -19.37
CA ALA A 67 -13.20 33.45 -19.21
C ALA A 67 -14.67 33.69 -18.93
N GLU A 68 -15.54 32.77 -19.37
CA GLU A 68 -16.98 32.91 -19.13
C GLU A 68 -17.39 32.33 -17.78
N ALA A 69 -16.88 31.15 -17.44
CA ALA A 69 -17.22 30.55 -16.15
C ALA A 69 -16.66 31.37 -14.99
N VAL A 70 -15.58 32.11 -15.22
CA VAL A 70 -15.08 33.01 -14.17
C VAL A 70 -16.02 34.20 -14.02
N LYS A 71 -16.60 34.67 -15.13
CA LYS A 71 -17.58 35.74 -15.04
C LYS A 71 -18.83 35.29 -14.31
N GLN A 72 -19.27 34.06 -14.55
CA GLN A 72 -20.54 33.60 -13.97
C GLN A 72 -20.42 33.36 -12.47
N ALA A 73 -19.59 32.40 -12.06
CA ALA A 73 -19.60 31.94 -10.68
C ALA A 73 -18.95 32.96 -9.73
N ASP A 74 -19.21 32.79 -8.44
CA ASP A 74 -18.62 33.62 -7.40
C ASP A 74 -17.35 33.02 -6.82
N VAL A 75 -17.32 31.70 -6.67
CA VAL A 75 -16.11 30.97 -6.27
C VAL A 75 -15.52 30.34 -7.53
N ILE A 76 -14.22 30.50 -7.73
CA ILE A 76 -13.53 29.95 -8.89
C ILE A 76 -12.40 29.07 -8.36
N MET A 77 -12.56 27.75 -8.50
CA MET A 77 -11.57 26.78 -8.07
C MET A 77 -10.69 26.39 -9.25
N VAL A 78 -9.41 26.73 -9.17
CA VAL A 78 -8.47 26.44 -10.25
C VAL A 78 -7.89 25.05 -10.01
N LEU A 79 -8.30 24.10 -10.84
CA LEU A 79 -7.82 22.73 -10.79
C LEU A 79 -7.08 22.39 -12.08
N LEU A 80 -6.31 23.34 -12.58
CA LEU A 80 -5.43 23.19 -13.73
C LEU A 80 -4.04 22.82 -13.28
N PRO A 81 -3.20 22.26 -14.16
CA PRO A 81 -1.86 21.87 -13.73
C PRO A 81 -1.05 23.06 -13.25
N ASP A 82 -0.18 22.81 -12.27
CA ASP A 82 0.58 23.88 -11.63
C ASP A 82 1.55 24.58 -12.57
N GLU A 83 1.74 24.09 -13.80
CA GLU A 83 2.69 24.70 -14.71
C GLU A 83 2.07 25.72 -15.65
N ILE A 84 0.74 25.71 -15.83
CA ILE A 84 0.08 26.62 -16.75
C ILE A 84 -0.89 27.57 -16.06
N GLN A 85 -1.03 27.46 -14.74
CA GLN A 85 -1.89 28.40 -14.02
C GLN A 85 -1.36 29.82 -14.11
N GLY A 86 -0.04 29.99 -14.05
CA GLY A 86 0.54 31.32 -14.12
C GLY A 86 0.20 32.05 -15.40
N ASP A 87 -0.02 31.32 -16.49
CA ASP A 87 -0.47 31.92 -17.74
C ASP A 87 -1.99 32.06 -17.81
N VAL A 88 -2.71 31.00 -17.42
CA VAL A 88 -4.16 31.02 -17.60
C VAL A 88 -4.83 32.05 -16.69
N TYR A 89 -4.33 32.21 -15.46
CA TYR A 89 -4.90 33.22 -14.57
C TYR A 89 -4.67 34.62 -15.14
N LYS A 90 -3.44 34.89 -15.60
CA LYS A 90 -3.13 36.22 -16.12
C LYS A 90 -3.89 36.51 -17.41
N ASN A 91 -4.23 35.48 -18.18
CA ASN A 91 -4.89 35.70 -19.46
C ASN A 91 -6.41 35.70 -19.36
N GLU A 92 -7.00 34.60 -18.92
CA GLU A 92 -8.43 34.36 -19.03
C GLU A 92 -9.17 34.37 -17.70
N ILE A 93 -8.52 34.81 -16.61
CA ILE A 93 -9.19 34.79 -15.31
C ILE A 93 -9.07 36.15 -14.64
N GLU A 94 -7.85 36.68 -14.56
CA GLU A 94 -7.63 37.95 -13.87
C GLU A 94 -8.46 39.09 -14.43
N PRO A 95 -8.60 39.29 -15.76
CA PRO A 95 -9.52 40.33 -16.24
C PRO A 95 -10.98 39.95 -16.11
N ASN A 96 -11.31 38.67 -15.96
CA ASN A 96 -12.69 38.20 -16.00
C ASN A 96 -13.29 37.94 -14.63
N LEU A 97 -12.53 38.13 -13.55
CA LEU A 97 -13.05 37.94 -12.20
C LEU A 97 -13.49 39.27 -11.62
N GLU A 98 -14.61 39.26 -10.91
CA GLU A 98 -15.16 40.46 -10.30
C GLU A 98 -14.56 40.65 -8.91
N LYS A 99 -15.02 41.70 -8.23
CA LYS A 99 -14.56 41.99 -6.87
C LYS A 99 -15.38 41.20 -5.85
N HIS A 100 -14.75 40.92 -4.71
CA HIS A 100 -15.36 40.15 -3.63
C HIS A 100 -15.82 38.77 -4.11
N ASN A 101 -15.00 38.13 -4.94
CA ASN A 101 -15.25 36.75 -5.34
C ASN A 101 -14.49 35.79 -4.44
N ALA A 102 -13.94 34.74 -5.02
CA ALA A 102 -13.15 33.78 -4.26
C ALA A 102 -12.25 33.01 -5.21
N LEU A 103 -10.96 32.96 -4.90
CA LEU A 103 -9.96 32.25 -5.70
C LEU A 103 -9.52 31.02 -4.90
N ALA A 104 -10.02 29.85 -5.30
CA ALA A 104 -9.80 28.61 -4.59
C ALA A 104 -8.72 27.79 -5.27
N PHE A 105 -7.82 27.23 -4.48
CA PHE A 105 -6.75 26.37 -4.96
C PHE A 105 -6.82 25.01 -4.28
N ALA A 106 -6.11 24.04 -4.85
CA ALA A 106 -5.90 22.75 -4.21
C ALA A 106 -4.42 22.49 -3.93
N HIS A 107 -3.56 23.47 -4.20
CA HIS A 107 -2.14 23.37 -3.91
C HIS A 107 -1.51 24.75 -4.00
N GLY A 108 -0.77 25.15 -2.99
CA GLY A 108 -0.20 26.49 -2.96
C GLY A 108 1.13 26.59 -3.68
N PHE A 109 1.19 26.08 -4.91
CA PHE A 109 2.44 26.11 -5.64
C PHE A 109 2.72 27.50 -6.20
N ASN A 110 1.77 28.08 -6.94
CA ASN A 110 2.02 29.32 -7.64
C ASN A 110 1.95 30.53 -6.71
N ILE A 111 1.12 30.48 -5.67
CA ILE A 111 1.02 31.62 -4.75
C ILE A 111 2.22 31.68 -3.83
N HIS A 112 2.58 30.55 -3.21
CA HIS A 112 3.73 30.53 -2.31
C HIS A 112 5.00 30.90 -3.06
N PHE A 113 5.19 30.38 -4.26
CA PHE A 113 6.36 30.69 -5.06
C PHE A 113 6.22 32.00 -5.84
N GLY A 114 5.20 32.80 -5.53
CA GLY A 114 5.06 34.12 -6.09
C GLY A 114 4.76 34.20 -7.57
N VAL A 115 4.33 33.10 -8.19
CA VAL A 115 4.05 33.12 -9.63
C VAL A 115 2.76 33.88 -9.91
N ILE A 116 1.77 33.76 -9.02
CA ILE A 116 0.49 34.44 -9.16
C ILE A 116 0.37 35.44 -8.01
N GLN A 117 0.19 36.72 -8.35
CA GLN A 117 0.01 37.78 -7.36
C GLN A 117 -1.40 38.34 -7.51
N PRO A 118 -2.39 37.77 -6.82
CA PRO A 118 -3.78 38.25 -6.97
C PRO A 118 -3.94 39.62 -6.34
N PRO A 119 -4.97 40.37 -6.75
CA PRO A 119 -5.19 41.69 -6.15
C PRO A 119 -5.73 41.57 -4.73
N ALA A 120 -5.67 42.69 -4.01
CA ALA A 120 -6.13 42.76 -2.63
C ALA A 120 -7.63 43.03 -2.52
N ASP A 121 -8.43 42.42 -3.39
CA ASP A 121 -9.88 42.63 -3.38
C ASP A 121 -10.69 41.35 -3.34
N VAL A 122 -10.08 40.19 -3.59
CA VAL A 122 -10.78 38.92 -3.64
C VAL A 122 -10.06 37.95 -2.71
N ASP A 123 -10.83 37.21 -1.90
CA ASP A 123 -10.26 36.28 -0.95
C ASP A 123 -9.63 35.09 -1.67
N VAL A 124 -8.38 34.80 -1.34
CA VAL A 124 -7.63 33.70 -1.93
C VAL A 124 -7.42 32.63 -0.87
N PHE A 125 -7.89 31.42 -1.15
CA PHE A 125 -7.77 30.31 -0.20
C PHE A 125 -7.48 29.02 -0.95
N LEU A 126 -7.14 27.99 -0.19
CA LEU A 126 -6.89 26.67 -0.72
C LEU A 126 -7.55 25.63 0.17
N VAL A 127 -8.05 24.56 -0.46
CA VAL A 127 -8.43 23.33 0.23
C VAL A 127 -7.80 22.18 -0.53
N ALA A 128 -6.90 21.47 0.11
CA ALA A 128 -6.04 20.48 -0.57
C ALA A 128 -6.33 19.08 -0.07
N PRO A 129 -6.95 18.22 -0.86
CA PRO A 129 -7.14 16.82 -0.44
C PRO A 129 -5.84 16.04 -0.49
N LYS A 130 -5.58 15.29 0.58
CA LYS A 130 -4.37 14.47 0.68
C LYS A 130 -4.64 13.09 0.06
N GLY A 131 -4.85 13.10 -1.25
CA GLY A 131 -5.14 11.89 -1.98
C GLY A 131 -5.52 12.17 -3.42
N PRO A 132 -5.39 11.17 -4.28
CA PRO A 132 -5.72 11.35 -5.70
C PRO A 132 -7.19 11.63 -5.91
N GLY A 133 -7.49 12.43 -6.94
CA GLY A 133 -8.86 12.87 -7.16
C GLY A 133 -9.80 11.75 -7.51
N HIS A 134 -9.34 10.78 -8.31
CA HIS A 134 -10.16 9.61 -8.60
C HIS A 134 -10.55 8.89 -7.31
N LEU A 135 -9.56 8.66 -6.42
CA LEU A 135 -9.87 8.03 -5.16
C LEU A 135 -10.58 8.98 -4.19
N VAL A 136 -10.46 10.29 -4.39
CA VAL A 136 -11.30 11.24 -3.65
C VAL A 136 -12.78 11.00 -3.98
N ARG A 137 -13.09 10.91 -5.27
CA ARG A 137 -14.45 10.60 -5.70
C ARG A 137 -14.88 9.22 -5.19
N ARG A 138 -13.97 8.24 -5.25
N ARG A 138 -13.98 8.24 -5.26
CA ARG A 138 -14.31 6.90 -4.78
CA ARG A 138 -14.32 6.90 -4.79
C ARG A 138 -14.64 6.89 -3.30
C ARG A 138 -14.63 6.90 -3.29
N THR A 139 -13.88 7.66 -2.51
CA THR A 139 -14.15 7.76 -1.08
C THR A 139 -15.48 8.46 -0.83
N PHE A 140 -15.75 9.53 -1.58
CA PHE A 140 -17.02 10.22 -1.44
C PHE A 140 -18.20 9.28 -1.72
N VAL A 141 -18.09 8.45 -2.76
CA VAL A 141 -19.24 7.64 -3.13
C VAL A 141 -19.35 6.42 -2.22
N GLU A 142 -18.24 5.77 -1.88
CA GLU A 142 -18.26 4.57 -1.04
C GLU A 142 -18.58 4.88 0.42
N GLY A 143 -18.67 6.15 0.80
CA GLY A 143 -18.91 6.53 2.18
C GLY A 143 -17.67 6.89 2.96
N SER A 144 -16.48 6.71 2.39
CA SER A 144 -15.23 7.08 3.05
C SER A 144 -14.92 8.55 2.80
N ALA A 145 -13.66 8.93 2.98
CA ALA A 145 -13.25 10.32 2.75
C ALA A 145 -11.74 10.39 2.65
N VAL A 146 -11.26 11.52 2.14
CA VAL A 146 -9.85 11.84 2.04
C VAL A 146 -9.61 13.11 2.86
N PRO A 147 -8.73 13.12 3.83
CA PRO A 147 -8.49 14.33 4.62
C PRO A 147 -7.89 15.44 3.77
N SER A 148 -8.27 16.67 4.09
CA SER A 148 -7.90 17.83 3.28
C SER A 148 -7.48 18.99 4.17
N LEU A 149 -6.37 19.61 3.83
CA LEU A 149 -5.95 20.85 4.48
C LEU A 149 -6.76 22.02 3.93
N PHE A 150 -6.68 23.14 4.64
CA PHE A 150 -7.23 24.38 4.11
C PHE A 150 -6.42 25.55 4.66
N GLY A 151 -6.36 26.62 3.87
CA GLY A 151 -5.58 27.79 4.24
C GLY A 151 -6.09 29.00 3.50
N ILE A 152 -5.67 30.17 3.96
CA ILE A 152 -6.13 31.44 3.42
C ILE A 152 -4.96 32.42 3.41
N GLN A 153 -4.84 33.20 2.35
CA GLN A 153 -3.89 34.31 2.32
C GLN A 153 -4.55 35.68 2.25
N GLN A 154 -5.82 35.76 1.85
CA GLN A 154 -6.52 37.02 1.75
C GLN A 154 -7.98 36.83 2.15
N ASP A 155 -8.52 37.81 2.88
CA ASP A 155 -9.93 37.82 3.29
C ASP A 155 -10.46 39.21 3.02
N ALA A 156 -11.23 39.36 1.94
CA ALA A 156 -11.83 40.64 1.58
C ALA A 156 -13.35 40.61 1.71
N SER A 157 -13.87 39.83 2.64
CA SER A 157 -15.31 39.73 2.85
C SER A 157 -15.64 39.50 4.32
N ALA A 160 -14.96 34.25 4.22
CA ALA A 160 -13.99 33.59 3.36
C ALA A 160 -13.64 32.19 3.87
N ARG A 161 -13.30 32.09 5.16
CA ARG A 161 -12.99 30.77 5.70
C ARG A 161 -14.24 29.95 5.97
N ASN A 162 -15.39 30.58 6.23
CA ASN A 162 -16.63 29.82 6.25
C ASN A 162 -16.88 29.19 4.89
N ILE A 163 -16.64 29.95 3.82
CA ILE A 163 -16.73 29.42 2.47
C ILE A 163 -15.73 28.28 2.27
N ALA A 164 -14.51 28.45 2.78
CA ALA A 164 -13.48 27.43 2.61
C ALA A 164 -13.84 26.12 3.30
N LEU A 165 -14.37 26.21 4.53
CA LEU A 165 -14.73 25.02 5.28
C LEU A 165 -15.97 24.35 4.71
N SER A 166 -16.96 25.15 4.30
CA SER A 166 -18.13 24.57 3.65
C SER A 166 -17.76 23.93 2.31
N TYR A 167 -16.72 24.45 1.64
CA TYR A 167 -16.21 23.79 0.44
C TYR A 167 -15.50 22.50 0.78
N ALA A 168 -14.68 22.51 1.84
CA ALA A 168 -14.00 21.30 2.27
C ALA A 168 -15.01 20.19 2.58
N LYS A 169 -16.12 20.53 3.22
CA LYS A 169 -17.11 19.50 3.51
C LYS A 169 -18.03 19.21 2.32
N GLY A 170 -18.14 20.15 1.37
CA GLY A 170 -18.94 19.90 0.18
C GLY A 170 -18.36 18.82 -0.71
N ILE A 171 -17.03 18.66 -0.71
CA ILE A 171 -16.39 17.53 -1.37
C ILE A 171 -16.35 16.28 -0.49
N GLY A 172 -16.77 16.39 0.76
CA GLY A 172 -16.78 15.26 1.65
C GLY A 172 -15.49 15.03 2.42
N ALA A 173 -14.74 16.10 2.73
CA ALA A 173 -13.46 15.95 3.41
C ALA A 173 -13.56 16.04 4.92
N THR A 174 -14.60 16.68 5.45
CA THR A 174 -14.76 16.73 6.90
C THR A 174 -15.07 15.37 7.51
N ARG A 175 -15.48 14.39 6.70
CA ARG A 175 -15.69 13.04 7.22
C ARG A 175 -14.39 12.44 7.72
N ALA A 176 -13.25 12.84 7.13
CA ALA A 176 -11.95 12.35 7.54
C ALA A 176 -11.21 13.33 8.46
N GLY A 177 -11.25 14.62 8.16
CA GLY A 177 -10.55 15.59 8.97
C GLY A 177 -9.99 16.75 8.16
N VAL A 178 -10.21 17.98 8.64
CA VAL A 178 -9.79 19.18 7.93
C VAL A 178 -8.95 20.03 8.89
N ILE A 179 -7.68 20.24 8.55
CA ILE A 179 -6.76 21.02 9.37
C ILE A 179 -6.36 22.27 8.59
N GLU A 180 -6.10 23.35 9.31
CA GLU A 180 -5.66 24.59 8.67
C GLU A 180 -4.14 24.65 8.62
N THR A 181 -3.63 25.09 7.47
CA THR A 181 -2.20 25.30 7.26
C THR A 181 -2.00 26.60 6.50
N THR A 182 -0.75 26.90 6.19
CA THR A 182 -0.37 28.03 5.35
C THR A 182 0.03 27.54 3.96
N PHE A 183 0.03 28.46 3.01
CA PHE A 183 0.44 28.13 1.66
C PHE A 183 1.87 27.59 1.63
N LYS A 184 2.76 28.21 2.41
CA LYS A 184 4.14 27.75 2.48
C LYS A 184 4.22 26.30 2.96
N GLU A 185 3.63 26.03 4.14
CA GLU A 185 3.67 24.69 4.71
C GLU A 185 2.97 23.68 3.81
N GLU A 186 1.79 24.03 3.28
CA GLU A 186 1.08 23.12 2.40
C GLU A 186 1.94 22.74 1.21
N THR A 187 2.47 23.73 0.50
CA THR A 187 3.29 23.46 -0.68
C THR A 187 4.50 22.60 -0.34
N GLU A 188 5.25 22.99 0.68
CA GLU A 188 6.50 22.29 1.00
C GLU A 188 6.23 20.87 1.44
N THR A 189 5.27 20.66 2.34
CA THR A 189 4.98 19.31 2.81
C THR A 189 4.45 18.45 1.67
N ASP A 190 3.58 19.00 0.80
CA ASP A 190 3.03 18.22 -0.28
C ASP A 190 4.11 17.79 -1.26
N LEU A 191 4.99 18.72 -1.66
CA LEU A 191 6.08 18.36 -2.55
C LEU A 191 7.01 17.34 -1.91
N PHE A 192 7.30 17.49 -0.62
CA PHE A 192 8.19 16.53 0.04
C PHE A 192 7.56 15.15 0.11
N GLY A 193 6.26 15.08 0.44
CA GLY A 193 5.60 13.79 0.47
C GLY A 193 5.58 13.12 -0.89
N GLU A 194 5.35 13.91 -1.96
CA GLU A 194 5.35 13.35 -3.30
C GLU A 194 6.73 12.84 -3.69
N GLN A 195 7.78 13.59 -3.37
CA GLN A 195 9.10 13.25 -3.88
C GLN A 195 9.77 12.16 -3.05
N ALA A 196 9.77 12.30 -1.73
CA ALA A 196 10.56 11.41 -0.88
C ALA A 196 9.82 10.16 -0.44
N VAL A 197 8.49 10.14 -0.48
CA VAL A 197 7.75 9.04 0.13
C VAL A 197 6.69 8.49 -0.81
N LEU A 198 5.67 9.31 -1.09
CA LEU A 198 4.44 8.79 -1.70
C LEU A 198 4.68 8.26 -3.10
N CYS A 199 5.47 8.97 -3.91
CA CYS A 199 5.65 8.61 -5.31
C CYS A 199 7.08 8.22 -5.62
N GLY A 200 8.04 9.15 -5.46
CA GLY A 200 9.41 8.84 -5.81
C GLY A 200 10.03 7.80 -4.87
N GLY A 201 9.90 8.03 -3.56
CA GLY A 201 10.60 7.17 -2.61
C GLY A 201 10.14 5.73 -2.66
N VAL A 202 8.83 5.51 -2.57
CA VAL A 202 8.33 4.14 -2.51
C VAL A 202 8.53 3.42 -3.83
N SER A 203 8.35 4.11 -4.95
CA SER A 203 8.54 3.45 -6.23
C SER A 203 10.01 3.11 -6.46
N LYS A 204 10.92 4.01 -6.08
CA LYS A 204 12.33 3.68 -6.16
C LYS A 204 12.68 2.50 -5.25
N LEU A 205 12.09 2.46 -4.05
CA LEU A 205 12.34 1.36 -3.13
C LEU A 205 11.83 0.03 -3.68
N ILE A 206 10.62 0.04 -4.23
CA ILE A 206 10.04 -1.17 -4.81
C ILE A 206 10.86 -1.64 -5.99
N GLN A 207 11.26 -0.71 -6.88
CA GLN A 207 12.07 -1.09 -8.03
C GLN A 207 13.43 -1.63 -7.60
N SER A 208 14.02 -1.04 -6.56
CA SER A 208 15.29 -1.54 -6.04
C SER A 208 15.13 -2.96 -5.49
N GLY A 209 14.04 -3.23 -4.79
CA GLY A 209 13.81 -4.58 -4.30
C GLY A 209 13.59 -5.58 -5.42
N PHE A 210 12.77 -5.19 -6.41
CA PHE A 210 12.51 -6.05 -7.56
C PHE A 210 13.80 -6.37 -8.31
N GLU A 211 14.66 -5.37 -8.50
CA GLU A 211 15.91 -5.58 -9.20
C GLU A 211 16.86 -6.46 -8.40
N THR A 212 17.01 -6.16 -7.10
CA THR A 212 17.82 -7.02 -6.23
C THR A 212 17.35 -8.46 -6.28
N LEU A 213 16.05 -8.68 -6.42
CA LEU A 213 15.54 -10.04 -6.50
C LEU A 213 15.82 -10.69 -7.84
N VAL A 214 15.47 -10.02 -8.93
CA VAL A 214 15.61 -10.65 -10.25
C VAL A 214 17.07 -10.86 -10.60
N GLU A 215 17.97 -10.02 -10.07
CA GLU A 215 19.39 -10.20 -10.35
C GLU A 215 19.99 -11.38 -9.61
N ALA A 216 19.29 -11.92 -8.61
CA ALA A 216 19.79 -13.04 -7.83
C ALA A 216 19.29 -14.38 -8.35
N GLY A 217 18.49 -14.39 -9.41
CA GLY A 217 18.01 -15.61 -10.02
C GLY A 217 16.60 -16.01 -9.65
N TYR A 218 15.87 -15.20 -8.89
CA TYR A 218 14.51 -15.54 -8.55
C TYR A 218 13.56 -15.20 -9.70
N GLN A 219 12.39 -15.83 -9.68
CA GLN A 219 11.42 -15.57 -10.73
C GLN A 219 10.85 -14.16 -10.58
N PRO A 220 10.71 -13.43 -11.70
CA PRO A 220 10.17 -12.07 -11.61
C PRO A 220 8.75 -12.01 -11.04
N GLU A 221 7.94 -13.05 -11.25
CA GLU A 221 6.57 -13.03 -10.73
C GLU A 221 6.57 -13.01 -9.21
N LEU A 222 7.37 -13.89 -8.59
CA LEU A 222 7.47 -13.90 -7.14
C LEU A 222 8.07 -12.60 -6.62
N ALA A 223 9.00 -11.99 -7.37
CA ALA A 223 9.57 -10.71 -6.96
C ALA A 223 8.50 -9.62 -6.97
N TYR A 224 7.70 -9.57 -8.04
CA TYR A 224 6.59 -8.60 -8.09
C TYR A 224 5.60 -8.85 -6.97
N PHE A 225 5.39 -10.12 -6.61
CA PHE A 225 4.51 -10.42 -5.48
C PHE A 225 5.08 -9.88 -4.18
N GLU A 226 6.37 -10.09 -3.95
CA GLU A 226 6.98 -9.81 -2.65
C GLU A 226 7.45 -8.37 -2.49
N VAL A 227 7.47 -7.57 -3.56
CA VAL A 227 7.85 -6.16 -3.44
C VAL A 227 6.73 -5.20 -3.78
N LEU A 228 5.59 -5.68 -4.28
CA LEU A 228 4.53 -4.77 -4.72
C LEU A 228 3.15 -5.30 -4.35
N HIS A 229 2.84 -6.52 -4.80
CA HIS A 229 1.48 -7.04 -4.62
C HIS A 229 1.12 -7.18 -3.15
N GLU A 230 2.02 -7.74 -2.35
CA GLU A 230 1.75 -7.97 -0.93
C GLU A 230 1.86 -6.70 -0.09
N MET A 231 2.12 -5.54 -0.69
CA MET A 231 2.23 -4.31 0.07
C MET A 231 0.88 -3.69 0.38
N LYS A 232 -0.16 -4.01 -0.40
CA LYS A 232 -1.46 -3.44 -0.13
C LYS A 232 -1.98 -3.85 1.24
N LEU A 233 -1.78 -5.12 1.62
CA LEU A 233 -2.24 -5.56 2.94
C LEU A 233 -1.52 -4.82 4.05
N ILE A 234 -0.20 -4.66 3.92
CA ILE A 234 0.57 -3.99 4.96
C ILE A 234 0.14 -2.52 5.09
N VAL A 235 0.02 -1.83 3.95
CA VAL A 235 -0.35 -0.42 4.02
C VAL A 235 -1.80 -0.27 4.45
N ASP A 236 -2.64 -1.27 4.20
CA ASP A 236 -4.01 -1.22 4.71
C ASP A 236 -4.03 -1.35 6.23
N LEU A 237 -3.26 -2.30 6.77
CA LEU A 237 -3.15 -2.41 8.22
C LEU A 237 -2.62 -1.13 8.83
N MET A 238 -1.66 -0.50 8.17
CA MET A 238 -1.12 0.77 8.66
C MET A 238 -2.19 1.86 8.64
N TYR A 239 -2.86 2.03 7.50
CA TYR A 239 -3.94 3.00 7.37
C TYR A 239 -5.03 2.80 8.41
N GLU A 240 -5.28 1.55 8.81
CA GLU A 240 -6.36 1.27 9.74
C GLU A 240 -5.94 1.35 11.21
N GLY A 241 -4.66 1.19 11.52
CA GLY A 241 -4.24 1.32 12.91
C GLY A 241 -2.76 1.49 13.13
N GLY A 242 -2.15 2.49 12.48
CA GLY A 242 -0.74 2.80 12.66
C GLY A 242 0.14 1.58 12.43
N MET A 243 1.42 1.77 12.75
N MET A 243 1.42 1.77 12.77
CA MET A 243 2.34 0.64 12.70
CA MET A 243 2.35 0.65 12.72
C MET A 243 2.06 -0.40 13.79
C MET A 243 2.06 -0.40 13.79
N GLU A 244 1.25 -0.04 14.80
CA GLU A 244 0.87 -1.01 15.82
C GLU A 244 0.10 -2.17 15.21
N ASN A 245 -0.90 -1.86 14.37
CA ASN A 245 -1.70 -2.91 13.74
C ASN A 245 -0.84 -3.78 12.85
N VAL A 246 0.12 -3.19 12.14
CA VAL A 246 1.01 -3.97 11.29
C VAL A 246 1.87 -4.91 12.13
N ARG A 247 2.55 -4.38 13.16
CA ARG A 247 3.40 -5.21 14.00
C ARG A 247 2.61 -6.26 14.75
N TYR A 248 1.32 -6.03 15.00
CA TYR A 248 0.49 -7.03 15.66
C TYR A 248 -0.05 -8.06 14.69
N SER A 249 -0.25 -7.70 13.43
CA SER A 249 -0.88 -8.60 12.47
C SER A 249 0.12 -9.49 11.75
N ILE A 250 1.33 -9.00 11.47
CA ILE A 250 2.30 -9.80 10.73
C ILE A 250 2.87 -10.88 11.65
N SER A 251 3.49 -11.88 11.03
CA SER A 251 4.10 -12.97 11.79
C SER A 251 5.29 -12.43 12.58
N ASN A 252 5.67 -13.20 13.61
CA ASN A 252 6.82 -12.81 14.42
C ASN A 252 8.10 -12.81 13.61
N THR A 253 8.22 -13.72 12.62
CA THR A 253 9.40 -13.71 11.78
C THR A 253 9.47 -12.43 10.95
N ALA A 254 8.34 -12.01 10.38
CA ALA A 254 8.29 -10.75 9.64
C ALA A 254 8.61 -9.56 10.55
N GLU A 255 8.07 -9.55 11.77
CA GLU A 255 8.31 -8.44 12.68
C GLU A 255 9.77 -8.37 13.11
N PHE A 256 10.37 -9.54 13.38
CA PHE A 256 11.78 -9.59 13.74
C PHE A 256 12.65 -9.15 12.56
N GLY A 257 12.33 -9.61 11.35
CA GLY A 257 13.06 -9.16 10.18
C GLY A 257 12.95 -7.66 9.98
N ASP A 258 11.75 -7.11 10.17
CA ASP A 258 11.56 -5.67 10.17
C ASP A 258 12.54 -5.00 11.12
N TYR A 259 12.50 -5.39 12.39
CA TYR A 259 13.33 -4.73 13.40
C TYR A 259 14.81 -4.82 13.05
N VAL A 260 15.27 -5.97 12.56
CA VAL A 260 16.71 -6.17 12.38
C VAL A 260 17.24 -5.68 11.04
N SER A 261 16.40 -5.54 10.01
CA SER A 261 16.87 -5.18 8.69
C SER A 261 16.28 -3.88 8.15
N GLY A 262 15.42 -3.20 8.88
CA GLY A 262 14.92 -1.90 8.48
C GLY A 262 16.02 -0.85 8.45
N PRO A 263 16.63 -0.59 9.61
CA PRO A 263 17.74 0.38 9.65
C PRO A 263 18.93 -0.02 8.79
N ARG A 264 19.03 -1.29 8.40
CA ARG A 264 20.08 -1.70 7.49
C ARG A 264 19.84 -1.17 6.08
N VAL A 265 18.59 -1.23 5.62
CA VAL A 265 18.23 -0.73 4.31
C VAL A 265 18.10 0.78 4.37
N ILE A 266 17.10 1.26 5.10
CA ILE A 266 16.87 2.70 5.28
C ILE A 266 17.78 3.16 6.42
N THR A 267 18.87 3.82 6.06
CA THR A 267 19.86 4.35 6.99
C THR A 267 19.56 5.83 7.29
N PRO A 268 20.23 6.42 8.28
CA PRO A 268 20.10 7.88 8.47
C PRO A 268 20.53 8.69 7.26
N ASP A 269 21.44 8.14 6.44
CA ASP A 269 21.78 8.80 5.18
C ASP A 269 20.54 9.04 4.34
N VAL A 270 19.62 8.07 4.32
CA VAL A 270 18.34 8.26 3.64
C VAL A 270 17.57 9.41 4.27
N LYS A 271 17.64 9.54 5.59
CA LYS A 271 16.89 10.58 6.28
C LYS A 271 17.38 11.97 5.90
N GLU A 272 18.69 12.18 5.87
CA GLU A 272 19.14 13.52 5.48
C GLU A 272 19.25 13.69 3.98
N ASN A 273 19.14 12.62 3.18
CA ASN A 273 18.85 12.82 1.76
C ASN A 273 17.43 13.35 1.58
N MET A 274 16.48 12.82 2.37
CA MET A 274 15.17 13.44 2.44
C MET A 274 15.27 14.91 2.86
N LYS A 275 16.15 15.19 3.83
CA LYS A 275 16.35 16.59 4.24
C LYS A 275 16.89 17.44 3.09
N ALA A 276 17.79 16.89 2.29
CA ALA A 276 18.32 17.62 1.13
C ALA A 276 17.21 17.88 0.10
N VAL A 277 16.35 16.89 -0.13
CA VAL A 277 15.19 17.09 -0.99
C VAL A 277 14.29 18.19 -0.43
N LEU A 278 14.07 18.18 0.89
CA LEU A 278 13.21 19.18 1.51
C LEU A 278 13.81 20.57 1.37
N THR A 279 15.12 20.70 1.56
CA THR A 279 15.77 22.00 1.40
C THR A 279 15.69 22.48 -0.04
N ASP A 280 15.88 21.58 -1.01
CA ASP A 280 15.71 21.96 -2.41
C ASP A 280 14.26 22.30 -2.74
N ILE A 281 13.31 21.80 -1.96
CA ILE A 281 11.91 22.21 -2.15
C ILE A 281 11.67 23.58 -1.54
N GLN A 282 12.32 23.88 -0.41
CA GLN A 282 12.05 25.12 0.30
C GLN A 282 12.63 26.33 -0.42
N ASN A 283 13.87 26.21 -0.92
CA ASN A 283 14.52 27.36 -1.55
C ASN A 283 13.85 27.71 -2.87
N GLY A 284 13.50 26.71 -3.67
CA GLY A 284 12.85 26.96 -4.93
C GLY A 284 13.57 26.31 -6.11
N ASN A 285 14.58 25.51 -5.81
CA ASN A 285 15.31 24.82 -6.88
C ASN A 285 14.40 23.88 -7.65
N PHE A 286 13.60 23.08 -6.94
CA PHE A 286 12.69 22.16 -7.61
C PHE A 286 11.63 22.91 -8.40
N SER A 287 11.06 23.96 -7.80
CA SER A 287 10.05 24.75 -8.51
C SER A 287 10.64 25.34 -9.79
N ASN A 288 11.83 25.93 -9.69
CA ASN A 288 12.48 26.50 -10.87
C ASN A 288 12.74 25.44 -11.93
N ARG A 289 13.25 24.27 -11.52
CA ARG A 289 13.52 23.21 -12.47
C ARG A 289 12.25 22.77 -13.19
N PHE A 290 11.18 22.57 -12.44
CA PHE A 290 9.92 22.12 -13.03
C PHE A 290 9.36 23.16 -13.99
N ILE A 291 9.36 24.43 -13.57
CA ILE A 291 8.78 25.48 -14.41
C ILE A 291 9.60 25.69 -15.67
N GLU A 292 10.94 25.66 -15.55
CA GLU A 292 11.77 25.85 -16.73
C GLU A 292 11.69 24.66 -17.67
N ASP A 293 11.54 23.45 -17.15
CA ASP A 293 11.33 22.31 -18.04
C ASP A 293 9.99 22.43 -18.74
N ASN A 294 8.96 22.90 -18.02
CA ASN A 294 7.66 23.11 -18.66
C ASN A 294 7.75 24.13 -19.79
N LYS A 295 8.44 25.24 -19.54
CA LYS A 295 8.59 26.26 -20.58
C LYS A 295 9.59 25.86 -21.66
N ASN A 296 10.34 24.78 -21.45
CA ASN A 296 11.23 24.21 -22.46
C ASN A 296 10.60 23.02 -23.17
N GLY A 297 9.27 22.88 -23.11
CA GLY A 297 8.59 21.81 -23.79
C GLY A 297 8.56 20.48 -23.07
N PHE A 298 8.75 20.46 -21.76
CA PHE A 298 8.72 19.23 -20.95
C PHE A 298 9.71 18.19 -21.49
N LYS A 299 10.93 18.66 -21.79
CA LYS A 299 11.95 17.79 -22.36
C LYS A 299 12.43 16.77 -21.33
N GLU A 300 13.01 17.25 -20.23
N GLU A 300 13.01 17.25 -20.23
CA GLU A 300 13.53 16.35 -19.20
CA GLU A 300 13.53 16.35 -19.20
C GLU A 300 12.41 15.53 -18.58
C GLU A 300 12.41 15.53 -18.58
N PHE A 301 11.22 16.12 -18.45
CA PHE A 301 10.09 15.40 -17.86
C PHE A 301 9.75 14.15 -18.66
N TYR A 302 9.58 14.30 -19.99
CA TYR A 302 9.24 13.15 -20.82
C TYR A 302 10.42 12.19 -20.94
N LYS A 303 11.65 12.72 -20.98
CA LYS A 303 12.82 11.86 -21.00
C LYS A 303 12.82 10.92 -19.79
N LEU A 304 12.69 11.48 -18.58
CA LEU A 304 12.69 10.67 -17.38
C LEU A 304 11.46 9.77 -17.32
N ARG A 305 10.30 10.28 -17.77
CA ARG A 305 9.08 9.49 -17.77
C ARG A 305 9.25 8.20 -18.54
N GLU A 306 9.78 8.29 -19.77
CA GLU A 306 9.95 7.07 -20.53
C GLU A 306 11.26 6.34 -20.21
N GLU A 307 12.18 6.97 -19.48
CA GLU A 307 13.31 6.23 -18.94
C GLU A 307 12.87 5.26 -17.86
N GLN A 308 11.92 5.69 -17.01
CA GLN A 308 11.45 4.84 -15.92
C GLN A 308 10.30 3.92 -16.33
N HIS A 309 9.54 4.28 -17.37
CA HIS A 309 8.39 3.47 -17.78
C HIS A 309 8.80 2.17 -18.48
N GLY A 310 10.05 2.05 -18.90
CA GLY A 310 10.48 0.85 -19.58
C GLY A 310 10.98 -0.22 -18.64
N HIS A 311 10.62 -0.11 -17.36
CA HIS A 311 11.11 -1.03 -16.35
C HIS A 311 10.47 -2.41 -16.55
N GLN A 312 11.21 -3.45 -16.16
CA GLN A 312 10.68 -4.81 -16.26
C GLN A 312 9.48 -5.02 -15.34
N ILE A 313 9.40 -4.25 -14.26
CA ILE A 313 8.38 -4.47 -13.24
C ILE A 313 6.98 -4.24 -13.81
N GLU A 314 6.81 -3.22 -14.67
CA GLU A 314 5.48 -2.96 -15.20
C GLU A 314 5.04 -4.08 -16.15
N LYS A 315 5.96 -4.61 -16.94
CA LYS A 315 5.64 -5.75 -17.80
C LYS A 315 5.24 -6.97 -16.97
N VAL A 316 6.03 -7.28 -15.94
CA VAL A 316 5.69 -8.40 -15.06
C VAL A 316 4.33 -8.18 -14.42
N GLY A 317 4.03 -6.92 -14.06
CA GLY A 317 2.74 -6.63 -13.46
C GLY A 317 1.58 -6.82 -14.40
N ARG A 318 1.75 -6.42 -15.66
CA ARG A 318 0.71 -6.70 -16.67
C ARG A 318 0.52 -8.20 -16.83
N GLU A 319 1.63 -8.94 -16.93
CA GLU A 319 1.53 -10.39 -17.12
C GLU A 319 0.89 -11.07 -15.93
N LEU A 320 1.06 -10.51 -14.72
CA LEU A 320 0.46 -11.12 -13.53
C LEU A 320 -1.01 -10.74 -13.38
N ARG A 321 -1.35 -9.49 -13.66
CA ARG A 321 -2.73 -9.04 -13.53
C ARG A 321 -3.61 -9.49 -14.68
N GLU A 322 -3.02 -9.98 -15.78
CA GLU A 322 -3.83 -10.57 -16.84
C GLU A 322 -4.26 -12.01 -16.55
N MET A 323 -4.07 -12.49 -15.32
CA MET A 323 -4.47 -13.83 -14.93
C MET A 323 -5.83 -13.89 -14.26
N MET A 324 -6.50 -12.76 -14.10
CA MET A 324 -7.82 -12.73 -13.47
C MET A 324 -8.81 -11.95 -14.32
N THR B 2 7.74 -19.99 -16.63
CA THR B 2 6.82 -19.96 -15.50
C THR B 2 5.79 -21.08 -15.60
N THR B 3 5.83 -21.99 -14.62
CA THR B 3 4.90 -23.11 -14.55
C THR B 3 3.68 -22.68 -13.73
N VAL B 4 2.52 -22.60 -14.39
CA VAL B 4 1.29 -22.17 -13.75
C VAL B 4 0.17 -23.14 -14.13
N TYR B 5 -0.55 -23.62 -13.13
CA TYR B 5 -1.69 -24.50 -13.33
C TYR B 5 -2.98 -23.76 -12.94
N TYR B 6 -4.10 -24.25 -13.48
CA TYR B 6 -5.41 -23.69 -13.15
C TYR B 6 -6.36 -24.79 -12.70
N ASP B 7 -7.66 -24.47 -12.61
CA ASP B 7 -8.64 -25.48 -12.27
C ASP B 7 -8.77 -26.53 -13.37
N GLN B 8 -8.59 -26.13 -14.62
CA GLN B 8 -8.70 -27.04 -15.76
C GLN B 8 -7.38 -27.73 -16.11
N ASP B 9 -6.29 -27.40 -15.42
CA ASP B 9 -5.01 -28.07 -15.68
C ASP B 9 -4.67 -29.14 -14.65
N VAL B 10 -5.36 -29.17 -13.52
CA VAL B 10 -5.17 -30.22 -12.52
C VAL B 10 -6.21 -31.30 -12.83
N LYS B 11 -5.73 -32.45 -13.30
CA LYS B 11 -6.63 -33.49 -13.84
C LYS B 11 -7.12 -34.41 -12.74
N THR B 12 -6.24 -35.25 -12.22
CA THR B 12 -6.63 -36.23 -11.22
C THR B 12 -6.82 -35.57 -9.87
N ASP B 13 -7.88 -35.97 -9.17
CA ASP B 13 -8.11 -35.52 -7.80
C ASP B 13 -7.33 -36.43 -6.89
N ALA B 14 -6.08 -36.06 -6.61
CA ALA B 14 -5.18 -36.89 -5.83
C ALA B 14 -5.54 -36.96 -4.36
N LEU B 15 -6.53 -36.18 -3.92
CA LEU B 15 -7.03 -36.26 -2.55
C LEU B 15 -8.34 -37.03 -2.46
N GLN B 16 -8.57 -37.93 -3.41
CA GLN B 16 -9.80 -38.72 -3.45
C GLN B 16 -9.83 -39.68 -2.28
N GLY B 17 -10.72 -39.44 -1.32
CA GLY B 17 -10.92 -40.35 -0.21
C GLY B 17 -9.75 -40.48 0.75
N LYS B 18 -9.08 -39.37 1.06
CA LYS B 18 -8.02 -39.35 2.06
C LYS B 18 -8.36 -38.30 3.11
N LYS B 19 -7.97 -38.59 4.35
CA LYS B 19 -8.19 -37.67 5.46
C LYS B 19 -7.06 -36.65 5.54
N ILE B 20 -7.43 -35.39 5.75
CA ILE B 20 -6.48 -34.29 5.76
C ILE B 20 -6.45 -33.70 7.16
N ALA B 21 -5.27 -33.69 7.77
CA ALA B 21 -5.09 -33.12 9.11
C ALA B 21 -4.43 -31.76 8.97
N VAL B 22 -5.17 -30.69 9.24
CA VAL B 22 -4.58 -29.36 9.33
C VAL B 22 -4.30 -29.10 10.80
N VAL B 23 -3.05 -28.76 11.12
CA VAL B 23 -2.64 -28.53 12.49
C VAL B 23 -2.37 -27.04 12.66
N GLY B 24 -2.85 -26.48 13.76
CA GLY B 24 -2.93 -25.04 13.90
C GLY B 24 -4.30 -24.55 13.48
N TYR B 25 -4.88 -23.61 14.22
CA TYR B 25 -6.20 -23.08 13.91
C TYR B 25 -6.21 -21.58 14.16
N GLY B 26 -5.41 -20.86 13.39
CA GLY B 26 -5.38 -19.41 13.49
C GLY B 26 -6.23 -18.77 12.42
N SER B 27 -5.65 -17.81 11.69
CA SER B 27 -6.37 -17.18 10.59
C SER B 27 -6.42 -18.07 9.36
N GLN B 28 -5.29 -18.70 9.02
CA GLN B 28 -5.20 -19.51 7.82
C GLN B 28 -5.54 -20.98 8.05
N GLY B 29 -5.39 -21.47 9.28
CA GLY B 29 -5.77 -22.85 9.56
C GLY B 29 -7.25 -23.08 9.35
N HIS B 30 -8.09 -22.20 9.90
CA HIS B 30 -9.52 -22.29 9.68
C HIS B 30 -9.86 -22.11 8.20
N ALA B 31 -9.15 -21.20 7.52
CA ALA B 31 -9.42 -20.96 6.10
C ALA B 31 -9.17 -22.22 5.28
N HIS B 32 -8.00 -22.84 5.46
CA HIS B 32 -7.71 -24.08 4.73
C HIS B 32 -8.70 -25.18 5.09
N ALA B 33 -8.96 -25.36 6.38
CA ALA B 33 -9.87 -26.43 6.80
C ALA B 33 -11.25 -26.26 6.19
N GLN B 34 -11.80 -25.05 6.26
CA GLN B 34 -13.16 -24.82 5.75
C GLN B 34 -13.21 -24.90 4.24
N ASN B 35 -12.16 -24.41 3.55
CA ASN B 35 -12.14 -24.53 2.10
C ASN B 35 -12.07 -25.99 1.66
N LEU B 36 -11.35 -26.82 2.41
CA LEU B 36 -11.30 -28.24 2.07
C LEU B 36 -12.61 -28.94 2.43
N LYS B 37 -13.25 -28.52 3.53
CA LYS B 37 -14.50 -29.15 3.95
C LYS B 37 -15.64 -28.80 3.00
N ASP B 38 -15.64 -27.58 2.45
CA ASP B 38 -16.71 -27.18 1.54
C ASP B 38 -16.62 -27.92 0.21
N ASN B 39 -15.41 -28.19 -0.27
CA ASN B 39 -15.25 -28.88 -1.55
C ASN B 39 -15.56 -30.38 -1.45
N GLY B 40 -15.76 -30.91 -0.25
CA GLY B 40 -16.09 -32.31 -0.07
C GLY B 40 -14.97 -33.21 0.42
N TYR B 41 -13.97 -32.67 1.11
CA TYR B 41 -12.88 -33.47 1.65
C TYR B 41 -13.07 -33.68 3.14
N ASP B 42 -12.53 -34.78 3.66
CA ASP B 42 -12.63 -35.11 5.07
C ASP B 42 -11.43 -34.53 5.80
N VAL B 43 -11.68 -33.53 6.64
CA VAL B 43 -10.62 -32.76 7.28
C VAL B 43 -10.79 -32.83 8.80
N VAL B 44 -9.66 -32.85 9.49
CA VAL B 44 -9.61 -32.81 10.95
C VAL B 44 -8.59 -31.76 11.37
N ILE B 45 -8.73 -31.29 12.61
CA ILE B 45 -7.89 -30.25 13.18
C ILE B 45 -6.97 -30.88 14.22
N GLY B 46 -5.71 -30.45 14.23
CA GLY B 46 -4.75 -30.91 15.20
C GLY B 46 -4.19 -29.77 16.03
N ILE B 47 -4.66 -29.63 17.26
CA ILE B 47 -4.30 -28.51 18.11
C ILE B 47 -4.29 -28.99 19.56
N ARG B 48 -3.37 -28.43 20.35
CA ARG B 48 -3.33 -28.75 21.76
C ARG B 48 -4.60 -28.23 22.44
N PRO B 49 -5.04 -28.88 23.52
CA PRO B 49 -6.22 -28.41 24.24
C PRO B 49 -6.02 -27.00 24.76
N GLY B 50 -6.95 -26.11 24.39
CA GLY B 50 -6.88 -24.73 24.81
C GLY B 50 -7.96 -23.89 24.19
N ARG B 51 -7.67 -22.60 24.05
CA ARG B 51 -8.65 -21.66 23.50
C ARG B 51 -9.00 -22.03 22.06
N SER B 52 -7.99 -22.11 21.18
CA SER B 52 -8.29 -22.36 19.77
C SER B 52 -8.79 -23.79 19.54
N PHE B 53 -8.44 -24.72 20.42
CA PHE B 53 -9.02 -26.06 20.35
C PHE B 53 -10.54 -26.00 20.44
N ASP B 54 -11.06 -25.42 21.53
CA ASP B 54 -12.50 -25.31 21.69
C ASP B 54 -13.11 -24.39 20.65
N LYS B 55 -12.38 -23.37 20.21
CA LYS B 55 -12.91 -22.48 19.17
C LYS B 55 -13.10 -23.23 17.84
N ALA B 56 -12.16 -24.09 17.48
CA ALA B 56 -12.32 -24.91 16.29
C ALA B 56 -13.43 -25.95 16.47
N LYS B 57 -13.57 -26.47 17.70
CA LYS B 57 -14.68 -27.39 17.95
C LYS B 57 -16.02 -26.69 17.83
N GLU B 58 -16.07 -25.38 18.09
CA GLU B 58 -17.31 -24.63 17.91
C GLU B 58 -17.69 -24.49 16.44
N ASP B 59 -16.69 -24.49 15.55
CA ASP B 59 -16.92 -24.28 14.13
C ASP B 59 -17.45 -25.51 13.41
N GLY B 60 -17.56 -26.64 14.09
CA GLY B 60 -18.12 -27.84 13.50
C GLY B 60 -17.11 -28.84 12.97
N PHE B 61 -15.82 -28.65 13.25
CA PHE B 61 -14.79 -29.57 12.81
C PHE B 61 -14.51 -30.60 13.90
N ASP B 62 -14.19 -31.82 13.47
CA ASP B 62 -13.73 -32.85 14.39
C ASP B 62 -12.30 -32.52 14.81
N VAL B 63 -12.11 -32.16 16.08
CA VAL B 63 -10.85 -31.67 16.59
C VAL B 63 -10.25 -32.70 17.54
N PHE B 64 -8.97 -33.01 17.34
CA PHE B 64 -8.22 -33.96 18.13
C PHE B 64 -6.88 -33.36 18.49
N PRO B 65 -6.14 -33.95 19.42
CA PRO B 65 -4.77 -33.52 19.66
C PRO B 65 -3.90 -33.73 18.42
N VAL B 66 -2.74 -33.07 18.42
CA VAL B 66 -1.88 -33.07 17.23
C VAL B 66 -1.43 -34.49 16.90
N ALA B 67 -1.06 -35.28 17.91
CA ALA B 67 -0.58 -36.63 17.66
C ALA B 67 -1.68 -37.49 17.05
N GLU B 68 -2.89 -37.43 17.61
CA GLU B 68 -3.99 -38.23 17.07
C GLU B 68 -4.36 -37.79 15.66
N ALA B 69 -4.37 -36.48 15.41
CA ALA B 69 -4.70 -35.99 14.07
C ALA B 69 -3.65 -36.41 13.05
N VAL B 70 -2.37 -36.41 13.45
CA VAL B 70 -1.31 -36.84 12.55
C VAL B 70 -1.43 -38.34 12.27
N LYS B 71 -1.71 -39.14 13.30
CA LYS B 71 -1.81 -40.58 13.10
C LYS B 71 -3.04 -40.95 12.28
N GLN B 72 -4.11 -40.14 12.35
CA GLN B 72 -5.37 -40.51 11.74
C GLN B 72 -5.48 -40.14 10.27
N ALA B 73 -4.71 -39.16 9.80
CA ALA B 73 -4.85 -38.64 8.45
C ALA B 73 -3.68 -39.08 7.57
N ASP B 74 -3.83 -38.84 6.26
CA ASP B 74 -2.84 -39.22 5.28
C ASP B 74 -1.93 -38.07 4.86
N VAL B 75 -2.41 -36.82 4.92
CA VAL B 75 -1.60 -35.65 4.60
C VAL B 75 -1.77 -34.63 5.72
N ILE B 76 -0.65 -34.11 6.22
CA ILE B 76 -0.63 -33.21 7.36
C ILE B 76 -0.15 -31.85 6.89
N MET B 77 -1.00 -30.84 7.03
CA MET B 77 -0.68 -29.47 6.68
C MET B 77 -0.40 -28.68 7.95
N VAL B 78 0.84 -28.24 8.12
CA VAL B 78 1.26 -27.50 9.31
C VAL B 78 0.97 -26.02 9.10
N LEU B 79 0.11 -25.47 9.95
CA LEU B 79 -0.26 -24.06 9.89
C LEU B 79 -0.06 -23.42 11.27
N LEU B 80 1.18 -23.48 11.75
CA LEU B 80 1.60 -22.91 13.01
C LEU B 80 2.69 -21.86 12.74
N PRO B 81 2.88 -20.92 13.66
CA PRO B 81 3.99 -19.97 13.53
C PRO B 81 5.32 -20.70 13.43
N ASP B 82 6.27 -20.05 12.76
CA ASP B 82 7.55 -20.69 12.47
C ASP B 82 8.34 -21.02 13.74
N GLU B 83 8.09 -20.30 14.85
CA GLU B 83 8.90 -20.48 16.04
C GLU B 83 8.49 -21.69 16.88
N ILE B 84 7.28 -22.22 16.69
CA ILE B 84 6.82 -23.37 17.46
C ILE B 84 6.81 -24.66 16.65
N GLN B 85 6.97 -24.59 15.32
CA GLN B 85 6.94 -25.80 14.51
C GLN B 85 8.08 -26.73 14.86
N GLY B 86 9.26 -26.17 15.16
CA GLY B 86 10.41 -27.02 15.50
C GLY B 86 10.14 -27.94 16.66
N ASP B 87 9.38 -27.48 17.65
CA ASP B 87 9.02 -28.34 18.77
C ASP B 87 7.82 -29.23 18.44
N VAL B 88 6.78 -28.65 17.83
CA VAL B 88 5.53 -29.39 17.62
C VAL B 88 5.76 -30.57 16.68
N TYR B 89 6.57 -30.37 15.63
CA TYR B 89 6.78 -31.44 14.66
C TYR B 89 7.44 -32.66 15.30
N LYS B 90 8.55 -32.45 16.01
CA LYS B 90 9.31 -33.58 16.54
C LYS B 90 8.87 -34.00 17.93
N ASN B 91 7.86 -33.35 18.51
CA ASN B 91 7.26 -33.83 19.75
C ASN B 91 5.83 -34.31 19.60
N GLU B 92 5.20 -34.07 18.46
CA GLU B 92 3.80 -34.48 18.24
C GLU B 92 3.54 -35.06 16.87
N ILE B 93 4.31 -34.71 15.84
CA ILE B 93 4.05 -35.12 14.46
C ILE B 93 5.01 -36.24 14.03
N GLU B 94 6.32 -35.99 14.12
CA GLU B 94 7.30 -36.98 13.67
C GLU B 94 7.16 -38.34 14.36
N PRO B 95 6.95 -38.44 15.68
CA PRO B 95 6.78 -39.77 16.28
C PRO B 95 5.54 -40.51 15.84
N ASN B 96 4.70 -39.92 14.99
CA ASN B 96 3.47 -40.56 14.53
C ASN B 96 3.31 -40.50 13.01
N LEU B 97 4.38 -40.16 12.30
CA LEU B 97 4.32 -40.06 10.84
C LEU B 97 4.41 -41.45 10.23
N GLU B 98 3.32 -41.90 9.60
CA GLU B 98 3.37 -43.14 8.86
C GLU B 98 4.13 -42.94 7.55
N LYS B 99 4.46 -44.04 6.90
CA LYS B 99 5.26 -44.01 5.68
C LYS B 99 4.41 -43.64 4.49
N HIS B 100 5.00 -42.88 3.56
CA HIS B 100 4.32 -42.41 2.35
C HIS B 100 3.09 -41.57 2.68
N ASN B 101 3.21 -40.72 3.69
CA ASN B 101 2.19 -39.72 3.95
C ASN B 101 2.50 -38.44 3.18
N ALA B 102 2.20 -37.28 3.76
CA ALA B 102 2.49 -36.02 3.10
C ALA B 102 2.48 -34.91 4.14
N LEU B 103 3.62 -34.24 4.31
CA LEU B 103 3.74 -33.13 5.24
C LEU B 103 3.71 -31.82 4.45
N ALA B 104 2.71 -31.01 4.70
CA ALA B 104 2.48 -29.79 3.93
C ALA B 104 2.73 -28.55 4.78
N PHE B 105 3.11 -27.46 4.10
CA PHE B 105 3.38 -26.18 4.72
C PHE B 105 2.86 -25.06 3.83
N ALA B 106 2.47 -23.96 4.46
CA ALA B 106 2.18 -22.73 3.73
C ALA B 106 3.39 -21.81 3.67
N HIS B 107 4.52 -22.22 4.21
CA HIS B 107 5.75 -21.45 4.20
C HIS B 107 6.90 -22.42 4.46
N GLY B 108 8.00 -22.23 3.73
CA GLY B 108 9.09 -23.19 3.81
C GLY B 108 10.26 -22.76 4.67
N PHE B 109 9.98 -22.01 5.74
CA PHE B 109 11.06 -21.49 6.57
C PHE B 109 11.76 -22.61 7.34
N ASN B 110 10.99 -23.42 8.07
CA ASN B 110 11.60 -24.49 8.86
C ASN B 110 12.20 -25.58 7.99
N ILE B 111 11.64 -25.78 6.79
CA ILE B 111 12.15 -26.83 5.92
C ILE B 111 13.44 -26.38 5.23
N HIS B 112 13.42 -25.19 4.62
CA HIS B 112 14.57 -24.74 3.83
C HIS B 112 15.81 -24.53 4.70
N PHE B 113 15.60 -24.03 5.93
CA PHE B 113 16.72 -23.78 6.84
C PHE B 113 17.03 -24.98 7.74
N GLY B 114 16.48 -26.14 7.42
CA GLY B 114 16.84 -27.36 8.12
C GLY B 114 16.34 -27.49 9.54
N VAL B 115 15.45 -26.61 9.98
CA VAL B 115 14.89 -26.74 11.33
C VAL B 115 14.08 -28.03 11.45
N ILE B 116 13.28 -28.32 10.42
CA ILE B 116 12.50 -29.55 10.35
C ILE B 116 13.09 -30.40 9.24
N GLN B 117 13.71 -31.52 9.61
CA GLN B 117 14.31 -32.46 8.67
C GLN B 117 13.44 -33.71 8.62
N PRO B 118 12.42 -33.76 7.76
CA PRO B 118 11.50 -34.89 7.74
C PRO B 118 12.19 -36.13 7.20
N PRO B 119 11.66 -37.32 7.51
CA PRO B 119 12.23 -38.55 6.95
C PRO B 119 12.04 -38.60 5.43
N ALA B 120 12.83 -39.47 4.80
CA ALA B 120 12.87 -39.58 3.35
C ALA B 120 11.75 -40.44 2.79
N ASP B 121 10.86 -40.98 3.62
CA ASP B 121 9.78 -41.83 3.15
C ASP B 121 8.45 -41.09 3.02
N VAL B 122 8.42 -39.80 3.33
CA VAL B 122 7.18 -39.02 3.34
C VAL B 122 7.27 -37.93 2.29
N ASP B 123 6.12 -37.54 1.76
CA ASP B 123 6.04 -36.40 0.85
C ASP B 123 6.11 -35.09 1.63
N VAL B 124 6.86 -34.14 1.09
CA VAL B 124 6.97 -32.79 1.66
C VAL B 124 6.82 -31.80 0.51
N PHE B 125 5.71 -31.07 0.50
CA PHE B 125 5.38 -30.09 -0.52
C PHE B 125 4.96 -28.78 0.14
N LEU B 126 4.56 -27.83 -0.69
CA LEU B 126 4.23 -26.49 -0.23
C LEU B 126 3.03 -25.98 -1.03
N VAL B 127 2.13 -25.28 -0.33
CA VAL B 127 1.03 -24.55 -0.96
C VAL B 127 0.88 -23.24 -0.20
N ALA B 128 1.28 -22.13 -0.83
CA ALA B 128 1.36 -20.83 -0.15
C ALA B 128 0.46 -19.82 -0.86
N PRO B 129 -0.78 -19.63 -0.42
CA PRO B 129 -1.59 -18.53 -0.95
C PRO B 129 -0.99 -17.19 -0.54
N LYS B 130 -1.08 -16.22 -1.45
CA LYS B 130 -0.53 -14.89 -1.19
C LYS B 130 -1.63 -13.97 -0.64
N GLY B 131 -1.99 -14.25 0.61
CA GLY B 131 -2.99 -13.50 1.32
C GLY B 131 -3.29 -14.07 2.69
N PRO B 132 -3.82 -13.24 3.59
CA PRO B 132 -4.17 -13.71 4.93
C PRO B 132 -5.38 -14.63 4.90
N GLY B 133 -5.55 -15.38 5.99
CA GLY B 133 -6.53 -16.45 6.02
C GLY B 133 -7.93 -15.99 5.69
N HIS B 134 -8.35 -14.87 6.28
CA HIS B 134 -9.66 -14.33 5.97
C HIS B 134 -9.78 -13.98 4.49
N LEU B 135 -8.69 -13.55 3.86
CA LEU B 135 -8.77 -13.21 2.43
C LEU B 135 -9.00 -14.46 1.59
N VAL B 136 -8.19 -15.51 1.79
CA VAL B 136 -8.38 -16.73 1.00
C VAL B 136 -9.77 -17.30 1.24
N ARG B 137 -10.25 -17.22 2.48
CA ARG B 137 -11.60 -17.72 2.78
C ARG B 137 -12.66 -16.93 2.03
N ARG B 138 -12.60 -15.59 2.13
CA ARG B 138 -13.57 -14.74 1.46
C ARG B 138 -13.56 -14.96 -0.04
N THR B 139 -12.36 -15.02 -0.64
CA THR B 139 -12.27 -15.23 -2.07
C THR B 139 -12.79 -16.60 -2.48
N PHE B 140 -12.59 -17.62 -1.65
CA PHE B 140 -13.12 -18.94 -1.96
C PHE B 140 -14.65 -18.94 -1.91
N VAL B 141 -15.23 -18.30 -0.89
CA VAL B 141 -16.70 -18.33 -0.76
C VAL B 141 -17.34 -17.49 -1.86
N GLU B 142 -16.74 -16.36 -2.21
CA GLU B 142 -17.30 -15.47 -3.21
C GLU B 142 -17.15 -16.00 -4.63
N GLY B 143 -16.36 -17.04 -4.85
CA GLY B 143 -16.11 -17.59 -6.16
C GLY B 143 -14.76 -17.21 -6.77
N SER B 144 -14.20 -16.07 -6.38
CA SER B 144 -12.89 -15.66 -6.88
C SER B 144 -11.79 -16.49 -6.23
N ALA B 145 -10.56 -15.96 -6.18
CA ALA B 145 -9.41 -16.67 -5.60
C ALA B 145 -8.29 -15.67 -5.31
N VAL B 146 -7.25 -16.14 -4.64
CA VAL B 146 -6.06 -15.31 -4.39
C VAL B 146 -4.87 -15.95 -5.09
N PRO B 147 -3.89 -15.20 -5.61
CA PRO B 147 -2.73 -15.87 -6.21
C PRO B 147 -1.99 -16.71 -5.19
N SER B 148 -1.32 -17.76 -5.67
CA SER B 148 -0.74 -18.75 -4.77
C SER B 148 0.47 -19.41 -5.41
N LEU B 149 1.36 -19.90 -4.55
CA LEU B 149 2.55 -20.63 -4.95
C LEU B 149 2.47 -22.07 -4.47
N PHE B 150 3.21 -22.94 -5.14
CA PHE B 150 3.34 -24.32 -4.71
C PHE B 150 4.73 -24.84 -5.08
N GLY B 151 5.23 -25.75 -4.28
CA GLY B 151 6.55 -26.32 -4.49
C GLY B 151 6.67 -27.68 -3.86
N ILE B 152 7.48 -28.54 -4.47
CA ILE B 152 7.69 -29.90 -4.01
C ILE B 152 9.16 -30.05 -3.64
N GLN B 153 9.43 -30.45 -2.40
CA GLN B 153 10.79 -30.74 -1.98
C GLN B 153 11.07 -32.24 -1.99
N GLN B 154 10.25 -33.02 -1.28
CA GLN B 154 10.47 -34.45 -1.18
C GLN B 154 9.28 -35.17 -1.80
N ASP B 155 9.54 -36.03 -2.77
CA ASP B 155 8.53 -36.82 -3.47
C ASP B 155 8.89 -38.29 -3.30
N ALA B 156 8.45 -38.89 -2.20
CA ALA B 156 8.70 -40.30 -1.97
C ALA B 156 7.57 -41.19 -2.45
N SER B 157 6.35 -40.67 -2.51
CA SER B 157 5.20 -41.43 -2.96
C SER B 157 5.11 -41.51 -4.47
N GLY B 158 5.95 -40.78 -5.20
CA GLY B 158 5.96 -40.86 -6.65
C GLY B 158 4.74 -40.18 -7.23
N GLN B 159 4.02 -39.47 -6.37
CA GLN B 159 2.80 -38.78 -6.77
C GLN B 159 2.50 -37.64 -5.79
N ALA B 160 3.45 -36.72 -5.64
CA ALA B 160 3.30 -35.62 -4.71
C ALA B 160 2.92 -34.30 -5.38
N ARG B 161 3.34 -34.06 -6.63
CA ARG B 161 3.01 -32.81 -7.30
C ARG B 161 1.50 -32.66 -7.46
N ASN B 162 0.84 -33.68 -8.01
CA ASN B 162 -0.60 -33.59 -8.17
C ASN B 162 -1.34 -33.64 -6.85
N ILE B 163 -0.73 -34.21 -5.79
CA ILE B 163 -1.32 -34.09 -4.45
C ILE B 163 -1.33 -32.64 -4.00
N ALA B 164 -0.20 -31.96 -4.19
CA ALA B 164 -0.13 -30.53 -3.85
C ALA B 164 -1.11 -29.72 -4.69
N LEU B 165 -1.26 -30.08 -5.96
CA LEU B 165 -2.16 -29.33 -6.84
C LEU B 165 -3.62 -29.59 -6.48
N SER B 166 -3.96 -30.83 -6.13
CA SER B 166 -5.31 -31.13 -5.67
C SER B 166 -5.61 -30.41 -4.36
N TYR B 167 -4.60 -30.30 -3.49
CA TYR B 167 -4.76 -29.51 -2.28
C TYR B 167 -5.01 -28.04 -2.61
N ALA B 168 -4.23 -27.49 -3.54
CA ALA B 168 -4.39 -26.09 -3.93
C ALA B 168 -5.77 -25.83 -4.50
N LYS B 169 -6.27 -26.74 -5.34
CA LYS B 169 -7.63 -26.59 -5.84
C LYS B 169 -8.65 -26.76 -4.73
N GLY B 170 -8.36 -27.58 -3.73
CA GLY B 170 -9.26 -27.72 -2.59
C GLY B 170 -9.39 -26.42 -1.80
N ILE B 171 -8.28 -25.70 -1.64
CA ILE B 171 -8.33 -24.36 -1.05
C ILE B 171 -8.94 -23.35 -2.01
N GLY B 172 -9.04 -23.69 -3.29
CA GLY B 172 -9.47 -22.74 -4.29
C GLY B 172 -8.37 -21.87 -4.85
N ALA B 173 -7.11 -22.19 -4.53
CA ALA B 173 -5.97 -21.39 -4.93
C ALA B 173 -5.57 -21.59 -6.38
N THR B 174 -6.28 -22.43 -7.13
CA THR B 174 -5.95 -22.67 -8.53
C THR B 174 -6.80 -21.86 -9.50
N ARG B 175 -7.85 -21.19 -9.02
CA ARG B 175 -8.67 -20.39 -9.93
C ARG B 175 -7.90 -19.21 -10.49
N ALA B 176 -7.08 -18.55 -9.66
CA ALA B 176 -6.23 -17.48 -10.13
C ALA B 176 -4.92 -17.98 -10.71
N GLY B 177 -4.57 -19.24 -10.48
CA GLY B 177 -3.34 -19.80 -10.99
C GLY B 177 -2.32 -20.07 -9.91
N VAL B 178 -1.83 -21.31 -9.84
CA VAL B 178 -0.79 -21.70 -8.89
C VAL B 178 0.55 -21.65 -9.61
N ILE B 179 1.47 -20.83 -9.10
CA ILE B 179 2.80 -20.71 -9.68
C ILE B 179 3.72 -21.72 -9.00
N GLU B 180 4.47 -22.47 -9.80
CA GLU B 180 5.43 -23.41 -9.25
C GLU B 180 6.66 -22.66 -8.74
N THR B 181 7.21 -23.12 -7.62
CA THR B 181 8.38 -22.52 -7.02
C THR B 181 9.10 -23.59 -6.20
N THR B 182 10.02 -23.15 -5.35
CA THR B 182 10.74 -24.04 -4.46
C THR B 182 10.62 -23.53 -3.04
N PHE B 183 10.92 -24.40 -2.06
CA PHE B 183 10.97 -23.94 -0.68
C PHE B 183 12.00 -22.83 -0.52
N LYS B 184 13.18 -23.01 -1.10
CA LYS B 184 14.24 -22.02 -1.00
C LYS B 184 13.79 -20.67 -1.54
N GLU B 185 13.29 -20.67 -2.78
CA GLU B 185 12.89 -19.41 -3.43
C GLU B 185 11.76 -18.72 -2.67
N GLU B 186 10.69 -19.47 -2.38
CA GLU B 186 9.54 -18.88 -1.68
C GLU B 186 9.96 -18.31 -0.33
N THR B 187 10.75 -19.07 0.43
CA THR B 187 11.16 -18.63 1.76
C THR B 187 12.03 -17.38 1.67
N GLU B 188 13.04 -17.39 0.81
CA GLU B 188 13.98 -16.28 0.75
C GLU B 188 13.33 -15.04 0.18
N THR B 189 12.45 -15.20 -0.81
CA THR B 189 11.73 -14.03 -1.35
C THR B 189 10.78 -13.45 -0.31
N ASP B 190 10.06 -14.30 0.42
CA ASP B 190 9.17 -13.80 1.47
C ASP B 190 9.96 -13.04 2.54
N LEU B 191 11.08 -13.62 2.99
CA LEU B 191 11.89 -12.95 4.01
C LEU B 191 12.43 -11.62 3.51
N PHE B 192 12.96 -11.61 2.28
CA PHE B 192 13.50 -10.37 1.72
C PHE B 192 12.40 -9.31 1.58
N GLY B 193 11.23 -9.70 1.11
CA GLY B 193 10.13 -8.75 1.00
C GLY B 193 9.76 -8.16 2.34
N GLU B 194 9.75 -8.98 3.39
CA GLU B 194 9.39 -8.45 4.70
C GLU B 194 10.47 -7.52 5.23
N GLN B 195 11.74 -7.85 5.04
CA GLN B 195 12.83 -7.11 5.65
C GLN B 195 13.26 -5.87 4.86
N ALA B 196 13.11 -5.87 3.54
CA ALA B 196 13.66 -4.79 2.73
C ALA B 196 12.60 -3.90 2.10
N VAL B 197 11.39 -4.38 1.84
CA VAL B 197 10.43 -3.57 1.10
C VAL B 197 9.13 -3.42 1.88
N LEU B 198 8.47 -4.54 2.17
CA LEU B 198 7.09 -4.49 2.67
C LEU B 198 7.03 -3.92 4.08
N CYS B 199 7.85 -4.44 4.98
CA CYS B 199 7.80 -4.04 6.38
C CYS B 199 9.03 -3.24 6.80
N GLY B 200 10.21 -3.86 6.79
CA GLY B 200 11.39 -3.18 7.28
C GLY B 200 11.74 -1.94 6.48
N GLY B 201 11.52 -1.98 5.17
CA GLY B 201 11.90 -0.87 4.32
C GLY B 201 10.95 0.30 4.33
N VAL B 202 9.69 0.08 3.91
CA VAL B 202 8.79 1.20 3.69
C VAL B 202 8.32 1.79 5.00
N SER B 203 8.27 1.00 6.08
CA SER B 203 7.90 1.58 7.37
C SER B 203 8.97 2.52 7.88
N LYS B 204 10.24 2.12 7.78
CA LYS B 204 11.32 3.03 8.15
C LYS B 204 11.39 4.23 7.21
N LEU B 205 11.00 4.06 5.95
CA LEU B 205 10.94 5.19 5.03
C LEU B 205 9.88 6.20 5.46
N ILE B 206 8.70 5.71 5.84
CA ILE B 206 7.64 6.59 6.35
C ILE B 206 8.11 7.27 7.64
N GLN B 207 8.80 6.52 8.50
CA GLN B 207 9.31 7.11 9.73
C GLN B 207 10.30 8.22 9.43
N SER B 208 11.22 7.99 8.47
CA SER B 208 12.18 9.02 8.12
C SER B 208 11.49 10.26 7.55
N GLY B 209 10.48 10.05 6.70
CA GLY B 209 9.75 11.20 6.16
C GLY B 209 9.03 11.98 7.23
N PHE B 210 8.33 11.28 8.13
CA PHE B 210 7.64 11.93 9.23
C PHE B 210 8.61 12.71 10.11
N GLU B 211 9.75 12.08 10.45
CA GLU B 211 10.74 12.75 11.29
C GLU B 211 11.34 13.97 10.60
N THR B 212 11.57 13.88 9.28
CA THR B 212 12.08 15.03 8.56
C THR B 212 11.08 16.18 8.57
N LEU B 213 9.80 15.88 8.35
CA LEU B 213 8.80 16.95 8.38
C LEU B 213 8.61 17.51 9.78
N VAL B 214 8.75 16.68 10.82
CA VAL B 214 8.55 17.17 12.19
C VAL B 214 9.74 18.03 12.63
N GLU B 215 10.96 17.58 12.36
CA GLU B 215 12.16 18.32 12.74
C GLU B 215 12.31 19.64 11.99
N ALA B 216 11.45 19.91 11.01
CA ALA B 216 11.48 21.18 10.29
C ALA B 216 10.33 22.10 10.69
N GLY B 217 9.69 21.83 11.82
CA GLY B 217 8.67 22.72 12.36
C GLY B 217 7.31 22.58 11.73
N TYR B 218 7.07 21.56 10.93
CA TYR B 218 5.75 21.38 10.34
C TYR B 218 4.82 20.67 11.33
N GLN B 219 3.52 20.77 11.05
CA GLN B 219 2.52 20.16 11.93
C GLN B 219 2.60 18.64 11.83
N PRO B 220 2.60 17.92 12.96
CA PRO B 220 2.76 16.46 12.87
C PRO B 220 1.55 15.75 12.28
N GLU B 221 0.34 16.26 12.51
CA GLU B 221 -0.85 15.66 11.92
C GLU B 221 -0.81 15.79 10.40
N LEU B 222 -0.37 16.94 9.90
CA LEU B 222 -0.16 17.09 8.47
C LEU B 222 0.82 16.06 7.94
N ALA B 223 1.94 15.86 8.63
CA ALA B 223 2.94 14.90 8.16
C ALA B 223 2.38 13.49 8.17
N TYR B 224 1.55 13.16 9.16
CA TYR B 224 0.93 11.84 9.18
C TYR B 224 -0.02 11.66 8.01
N PHE B 225 -0.84 12.69 7.73
CA PHE B 225 -1.73 12.61 6.57
C PHE B 225 -0.97 12.58 5.26
N GLU B 226 0.25 13.11 5.24
CA GLU B 226 1.01 13.24 4.00
C GLU B 226 1.82 11.99 3.68
N VAL B 227 2.50 11.39 4.66
CA VAL B 227 3.43 10.30 4.38
C VAL B 227 2.93 8.95 4.84
N LEU B 228 1.69 8.85 5.33
CA LEU B 228 1.18 7.57 5.78
C LEU B 228 -0.26 7.35 5.31
N HIS B 229 -1.15 8.26 5.69
CA HIS B 229 -2.57 8.06 5.38
C HIS B 229 -2.82 8.04 3.88
N GLU B 230 -2.04 8.79 3.10
CA GLU B 230 -2.24 8.83 1.65
C GLU B 230 -1.54 7.70 0.92
N MET B 231 -0.50 7.11 1.49
CA MET B 231 0.14 5.98 0.85
C MET B 231 -0.78 4.78 0.75
N LYS B 232 -1.82 4.71 1.58
CA LYS B 232 -2.85 3.69 1.37
C LYS B 232 -3.49 3.85 -0.01
N LEU B 233 -3.89 5.08 -0.36
CA LEU B 233 -4.48 5.30 -1.68
C LEU B 233 -3.46 5.10 -2.79
N ILE B 234 -2.20 5.50 -2.54
CA ILE B 234 -1.15 5.27 -3.52
C ILE B 234 -1.00 3.79 -3.83
N VAL B 235 -0.76 2.98 -2.79
CA VAL B 235 -0.59 1.55 -2.97
C VAL B 235 -1.87 0.90 -3.47
N ASP B 236 -3.04 1.48 -3.17
CA ASP B 236 -4.27 0.95 -3.76
C ASP B 236 -4.26 1.11 -5.27
N LEU B 237 -3.94 2.30 -5.76
CA LEU B 237 -3.82 2.50 -7.20
C LEU B 237 -2.76 1.57 -7.79
N MET B 238 -1.66 1.38 -7.08
CA MET B 238 -0.61 0.48 -7.54
C MET B 238 -1.12 -0.96 -7.65
N TYR B 239 -1.74 -1.46 -6.57
CA TYR B 239 -2.26 -2.82 -6.54
C TYR B 239 -3.33 -3.03 -7.60
N GLU B 240 -4.08 -1.99 -7.94
CA GLU B 240 -5.14 -2.12 -8.93
C GLU B 240 -4.68 -1.94 -10.37
N GLY B 241 -3.53 -1.31 -10.62
CA GLY B 241 -3.10 -1.15 -11.99
C GLY B 241 -1.64 -0.85 -12.18
N GLY B 242 -0.76 -1.58 -11.49
CA GLY B 242 0.64 -1.31 -11.67
C GLY B 242 1.02 0.09 -11.26
N MET B 243 2.29 0.40 -11.47
CA MET B 243 2.79 1.77 -11.36
C MET B 243 2.29 2.66 -12.48
N GLU B 244 1.82 2.07 -13.58
CA GLU B 244 1.26 2.88 -14.64
C GLU B 244 -0.04 3.56 -14.22
N ASN B 245 -0.83 2.93 -13.34
CA ASN B 245 -2.06 3.57 -12.87
C ASN B 245 -1.76 4.76 -11.96
N VAL B 246 -0.76 4.63 -11.08
CA VAL B 246 -0.44 5.75 -10.21
C VAL B 246 0.25 6.86 -10.99
N ARG B 247 1.02 6.52 -12.03
CA ARG B 247 1.56 7.55 -12.90
C ARG B 247 0.50 8.17 -13.81
N TYR B 248 -0.60 7.46 -14.04
CA TYR B 248 -1.70 8.02 -14.81
C TYR B 248 -2.48 9.04 -14.00
N SER B 249 -2.94 8.64 -12.81
CA SER B 249 -3.74 9.53 -11.97
C SER B 249 -2.90 10.55 -11.21
N ILE B 250 -1.60 10.66 -11.49
CA ILE B 250 -0.72 11.55 -10.76
C ILE B 250 -0.79 12.95 -11.37
N SER B 251 -0.31 13.93 -10.61
CA SER B 251 -0.14 15.26 -11.17
C SER B 251 1.22 15.35 -11.85
N ASN B 252 1.34 16.29 -12.78
CA ASN B 252 2.62 16.49 -13.45
C ASN B 252 3.69 16.90 -12.45
N THR B 253 3.33 17.72 -11.47
CA THR B 253 4.28 18.15 -10.44
C THR B 253 4.80 16.97 -9.65
N ALA B 254 3.90 16.10 -9.21
CA ALA B 254 4.31 14.93 -8.43
C ALA B 254 5.09 13.93 -9.27
N GLU B 255 4.72 13.79 -10.54
CA GLU B 255 5.46 12.87 -11.42
C GLU B 255 6.88 13.36 -11.66
N PHE B 256 7.03 14.66 -11.93
CA PHE B 256 8.37 15.24 -12.09
C PHE B 256 9.16 15.10 -10.79
N GLY B 257 8.52 15.33 -9.64
CA GLY B 257 9.21 15.17 -8.38
C GLY B 257 9.67 13.75 -8.14
N ASP B 258 8.80 12.78 -8.41
CA ASP B 258 9.20 11.38 -8.46
C ASP B 258 10.47 11.21 -9.27
N TYR B 259 10.43 11.62 -10.55
CA TYR B 259 11.52 11.31 -11.45
C TYR B 259 12.83 11.99 -11.04
N VAL B 260 12.77 13.16 -10.41
CA VAL B 260 13.99 13.88 -10.08
C VAL B 260 14.44 13.70 -8.63
N SER B 261 13.62 13.08 -7.77
CA SER B 261 13.98 12.93 -6.36
C SER B 261 14.03 11.50 -5.86
N GLY B 262 13.35 10.55 -6.51
CA GLY B 262 13.38 9.17 -6.11
C GLY B 262 14.78 8.61 -5.96
N PRO B 263 15.59 8.69 -7.03
CA PRO B 263 16.99 8.26 -6.92
C PRO B 263 17.79 9.03 -5.87
N ARG B 264 17.37 10.24 -5.51
CA ARG B 264 18.10 10.99 -4.49
C ARG B 264 17.92 10.36 -3.12
N VAL B 265 16.69 9.93 -2.80
CA VAL B 265 16.41 9.32 -1.52
C VAL B 265 16.87 7.87 -1.49
N ILE B 266 16.45 7.08 -2.49
CA ILE B 266 16.84 5.69 -2.63
C ILE B 266 17.97 5.64 -3.65
N THR B 267 19.21 5.57 -3.15
CA THR B 267 20.40 5.54 -4.00
C THR B 267 20.81 4.10 -4.26
N PRO B 268 21.70 3.86 -5.22
CA PRO B 268 22.23 2.50 -5.42
C PRO B 268 22.85 1.88 -4.17
N ASP B 269 23.33 2.71 -3.24
CA ASP B 269 23.81 2.17 -1.97
C ASP B 269 22.69 1.47 -1.21
N VAL B 270 21.47 1.98 -1.30
CA VAL B 270 20.33 1.29 -0.71
C VAL B 270 20.11 -0.06 -1.40
N LYS B 271 20.34 -0.13 -2.71
CA LYS B 271 20.19 -1.39 -3.43
C LYS B 271 21.24 -2.41 -2.97
N GLU B 272 22.48 -1.96 -2.77
CA GLU B 272 23.50 -2.87 -2.26
C GLU B 272 23.24 -3.26 -0.81
N ASN B 273 22.61 -2.37 -0.02
CA ASN B 273 22.17 -2.76 1.31
C ASN B 273 21.11 -3.86 1.24
N MET B 274 20.15 -3.72 0.33
CA MET B 274 19.19 -4.80 0.10
C MET B 274 19.90 -6.08 -0.30
N LYS B 275 20.93 -5.97 -1.14
CA LYS B 275 21.73 -7.12 -1.52
C LYS B 275 22.37 -7.78 -0.31
N ALA B 276 22.88 -6.97 0.63
CA ALA B 276 23.49 -7.53 1.83
C ALA B 276 22.47 -8.22 2.72
N VAL B 277 21.28 -7.64 2.83
CA VAL B 277 20.20 -8.29 3.57
C VAL B 277 19.82 -9.61 2.93
N LEU B 278 19.69 -9.62 1.59
CA LEU B 278 19.37 -10.84 0.87
C LEU B 278 20.46 -11.90 1.07
N THR B 279 21.71 -11.45 1.11
CA THR B 279 22.82 -12.39 1.29
C THR B 279 22.80 -13.03 2.67
N ASP B 280 22.61 -12.21 3.72
CA ASP B 280 22.49 -12.76 5.05
C ASP B 280 21.20 -13.56 5.26
N ILE B 281 20.21 -13.39 4.38
CA ILE B 281 19.05 -14.28 4.38
C ILE B 281 19.39 -15.61 3.73
N GLN B 282 20.19 -15.58 2.65
CA GLN B 282 20.47 -16.81 1.90
C GLN B 282 21.29 -17.80 2.71
N ASN B 283 22.41 -17.34 3.28
CA ASN B 283 23.31 -18.24 3.99
C ASN B 283 22.63 -18.83 5.23
N GLY B 284 21.80 -18.03 5.90
CA GLY B 284 21.05 -18.52 7.04
C GLY B 284 21.39 -17.85 8.34
N ASN B 285 22.02 -16.67 8.27
CA ASN B 285 22.35 -15.94 9.49
C ASN B 285 21.10 -15.35 10.13
N PHE B 286 20.20 -14.81 9.31
CA PHE B 286 18.93 -14.30 9.84
C PHE B 286 18.12 -15.42 10.49
N SER B 287 18.04 -16.57 9.83
CA SER B 287 17.23 -17.67 10.36
C SER B 287 17.80 -18.19 11.67
N ASN B 288 19.12 -18.38 11.74
CA ASN B 288 19.70 -18.91 12.98
C ASN B 288 19.63 -17.87 14.10
N ARG B 289 19.81 -16.59 13.76
CA ARG B 289 19.64 -15.54 14.75
C ARG B 289 18.22 -15.53 15.31
N PHE B 290 17.22 -15.65 14.43
CA PHE B 290 15.83 -15.67 14.85
C PHE B 290 15.55 -16.86 15.76
N ILE B 291 15.99 -18.05 15.36
CA ILE B 291 15.67 -19.23 16.16
C ILE B 291 16.48 -19.26 17.45
N GLU B 292 17.66 -18.64 17.48
CA GLU B 292 18.42 -18.58 18.72
C GLU B 292 17.80 -17.58 19.70
N ASP B 293 17.27 -16.47 19.19
CA ASP B 293 16.53 -15.57 20.07
C ASP B 293 15.22 -16.21 20.52
N ASN B 294 14.63 -17.07 19.70
CA ASN B 294 13.44 -17.80 20.12
C ASN B 294 13.75 -18.80 21.23
N LYS B 295 14.85 -19.54 21.09
CA LYS B 295 15.25 -20.47 22.14
C LYS B 295 15.65 -19.78 23.44
N ASN B 296 15.87 -18.46 23.40
CA ASN B 296 16.26 -17.69 24.58
C ASN B 296 15.13 -16.76 25.05
N GLY B 297 13.88 -17.12 24.75
CA GLY B 297 12.74 -16.37 25.24
C GLY B 297 12.48 -15.04 24.57
N PHE B 298 12.92 -14.87 23.32
CA PHE B 298 12.64 -13.65 22.55
C PHE B 298 13.18 -12.40 23.24
N LYS B 299 14.36 -12.52 23.86
CA LYS B 299 14.95 -11.39 24.55
C LYS B 299 15.18 -10.22 23.60
N GLU B 300 15.97 -10.44 22.55
CA GLU B 300 16.23 -9.38 21.58
C GLU B 300 14.95 -8.95 20.87
N PHE B 301 14.08 -9.90 20.51
CA PHE B 301 12.84 -9.56 19.83
C PHE B 301 11.98 -8.62 20.66
N TYR B 302 11.76 -8.98 21.93
CA TYR B 302 11.00 -8.10 22.83
C TYR B 302 11.71 -6.77 23.03
N LYS B 303 13.04 -6.80 23.14
CA LYS B 303 13.80 -5.55 23.27
C LYS B 303 13.50 -4.60 22.11
N LEU B 304 13.61 -5.11 20.88
CA LEU B 304 13.38 -4.27 19.71
C LEU B 304 11.94 -3.82 19.62
N ARG B 305 10.99 -4.71 19.95
CA ARG B 305 9.58 -4.35 19.90
C ARG B 305 9.25 -3.24 20.89
N GLU B 306 9.84 -3.30 22.09
CA GLU B 306 9.66 -2.22 23.06
C GLU B 306 10.37 -0.95 22.61
N GLU B 307 11.50 -1.09 21.90
CA GLU B 307 12.22 0.08 21.43
C GLU B 307 11.40 0.87 20.42
N GLN B 308 10.85 0.21 19.42
CA GLN B 308 10.08 0.93 18.39
C GLN B 308 8.63 1.20 18.82
N HIS B 309 8.41 1.54 20.09
CA HIS B 309 7.07 1.83 20.59
C HIS B 309 6.88 3.26 21.08
N GLY B 310 7.96 4.02 21.27
CA GLY B 310 7.82 5.40 21.75
C GLY B 310 7.92 6.43 20.65
N HIS B 311 7.41 6.11 19.46
CA HIS B 311 7.49 7.02 18.33
C HIS B 311 6.27 7.95 18.32
N GLN B 312 6.51 9.19 17.88
CA GLN B 312 5.45 10.20 17.88
C GLN B 312 4.38 9.89 16.84
N ILE B 313 4.77 9.32 15.70
CA ILE B 313 3.82 9.07 14.62
C ILE B 313 2.71 8.12 15.07
N GLU B 314 3.03 7.16 15.93
N GLU B 314 3.03 7.16 15.93
CA GLU B 314 2.03 6.24 16.43
CA GLU B 314 2.02 6.24 16.43
C GLU B 314 0.96 6.97 17.23
C GLU B 314 0.96 6.97 17.23
N LYS B 315 1.37 7.84 18.15
CA LYS B 315 0.42 8.59 18.96
C LYS B 315 -0.39 9.56 18.11
N VAL B 316 0.25 10.23 17.16
CA VAL B 316 -0.47 11.14 16.29
C VAL B 316 -1.51 10.39 15.45
N GLY B 317 -1.14 9.24 14.90
CA GLY B 317 -2.09 8.46 14.15
C GLY B 317 -3.22 7.92 15.00
N ARG B 318 -2.91 7.53 16.24
CA ARG B 318 -3.95 7.07 17.15
C ARG B 318 -4.97 8.18 17.40
N GLU B 319 -4.49 9.38 17.71
CA GLU B 319 -5.42 10.48 17.98
C GLU B 319 -6.06 11.03 16.72
N LEU B 320 -5.56 10.68 15.53
CA LEU B 320 -6.20 11.13 14.30
C LEU B 320 -7.21 10.15 13.73
N ARG B 321 -7.02 8.84 13.94
CA ARG B 321 -7.93 7.82 13.43
C ARG B 321 -9.12 7.57 14.35
N GLU B 322 -9.26 8.34 15.43
CA GLU B 322 -10.31 8.10 16.40
C GLU B 322 -11.69 8.29 15.81
N MET B 323 -12.07 9.54 15.53
CA MET B 323 -13.41 9.86 15.07
C MET B 323 -13.52 9.86 13.55
N MET B 324 -12.90 8.88 12.88
CA MET B 324 -13.16 8.65 11.47
C MET B 324 -14.14 7.49 11.35
N PRO B 325 -15.36 7.71 10.84
CA PRO B 325 -16.34 6.60 10.82
C PRO B 325 -15.88 5.41 10.00
N PHE B 326 -15.37 5.64 8.79
CA PHE B 326 -14.89 4.56 7.94
C PHE B 326 -13.65 3.88 8.52
PA NAP C . -4.88 17.31 -14.57
O1A NAP C . -3.93 17.24 -15.76
O2A NAP C . -5.41 15.95 -14.29
O5B NAP C . -6.14 18.34 -14.91
C5B NAP C . -5.94 19.35 -15.91
C4B NAP C . -7.16 19.79 -16.37
O4B NAP C . -7.10 21.33 -16.69
C3B NAP C . -7.50 19.08 -17.73
O3B NAP C . -8.94 18.74 -17.78
C2B NAP C . -7.22 19.94 -18.64
O2B NAP C . -8.08 19.79 -19.79
C1B NAP C . -7.48 21.45 -17.92
N9A NAP C . -6.71 22.44 -18.57
C8A NAP C . -5.37 22.42 -18.76
N7A NAP C . -5.00 23.47 -19.38
C5A NAP C . -6.09 24.23 -19.63
C6A NAP C . -6.31 25.50 -20.28
N6A NAP C . -5.20 26.24 -20.84
N1A NAP C . -7.54 25.96 -20.35
C2A NAP C . -8.57 25.28 -19.82
N3A NAP C . -8.40 24.10 -19.22
C4A NAP C . -7.16 23.57 -19.12
O3 NAP C . -4.04 17.86 -13.21
PN NAP C . -4.63 17.88 -11.68
O1N NAP C . -4.11 16.73 -10.93
O2N NAP C . -6.13 17.82 -11.70
O5D NAP C . -4.16 19.30 -10.97
C5D NAP C . -5.19 20.13 -10.37
C4D NAP C . -4.55 21.04 -9.30
O4D NAP C . -4.87 20.47 -7.88
C3D NAP C . -3.23 21.04 -9.40
O3D NAP C . -2.72 22.34 -9.10
C2D NAP C . -2.66 19.93 -8.29
O2D NAP C . -1.36 20.34 -7.84
C1D NAP C . -3.51 19.91 -7.31
N1N NAP C . -3.71 18.56 -6.79
C2N NAP C . -3.78 17.53 -7.64
C3N NAP C . -3.97 16.24 -7.16
C7N NAP C . -4.06 15.01 -8.18
O7N NAP C . -4.60 14.01 -7.84
N7N NAP C . -3.49 15.11 -9.50
C4N NAP C . -4.08 16.03 -5.78
C5N NAP C . -4.01 17.12 -4.93
C6N NAP C . -3.81 18.38 -5.48
P2B NAP C . -7.50 19.00 -21.10
O1X NAP C . -8.09 17.59 -21.14
O2X NAP C . -7.88 19.76 -22.36
O3X NAP C . -6.03 18.91 -20.99
PA NDP D . -4.98 17.29 -14.56
O1A NDP D . -5.52 15.96 -14.09
O2A NDP D . -4.02 17.09 -15.71
O5B NDP D . -6.24 18.25 -15.04
C5B NDP D . -5.97 19.44 -15.70
C4B NDP D . -7.24 19.97 -16.35
O4B NDP D . -7.15 21.23 -16.58
C3B NDP D . -7.49 19.20 -17.78
O3B NDP D . -8.90 18.79 -17.89
C2B NDP D . -7.21 20.03 -18.67
O2B NDP D . -8.13 19.81 -19.86
C1B NDP D . -7.51 21.43 -18.02
N9A NDP D . -6.75 22.37 -18.58
C8A NDP D . -5.44 22.34 -18.73
N7A NDP D . -5.02 23.44 -19.32
C5A NDP D . -6.08 24.22 -19.58
C6A NDP D . -6.28 25.48 -20.18
N6A NDP D . -5.16 26.24 -20.69
N1A NDP D . -7.51 25.96 -20.27
C2A NDP D . -8.55 25.26 -19.81
N3A NDP D . -8.41 24.08 -19.24
C4A NDP D . -7.18 23.54 -19.12
O3 NDP D . -4.19 18.05 -13.31
PN NDP D . -4.66 17.94 -11.72
O1N NDP D . -6.17 17.91 -11.63
O2N NDP D . -4.07 16.70 -11.10
O5D NDP D . -4.10 19.30 -10.93
C5D NDP D . -5.06 20.22 -10.41
C4D NDP D . -4.42 21.04 -9.28
O4D NDP D . -4.75 20.32 -7.87
C3D NDP D . -3.14 21.11 -9.41
O3D NDP D . -2.68 22.52 -9.18
C2D NDP D . -2.53 20.19 -8.35
O2D NDP D . -1.42 20.76 -7.82
C1D NDP D . -3.63 20.05 -7.28
N1N NDP D . -3.68 18.65 -6.75
C2N NDP D . -3.60 17.50 -7.67
C3N NDP D . -3.91 16.07 -7.15
C7N NDP D . -3.97 14.87 -8.13
O7N NDP D . -4.35 13.81 -7.74
N7N NDP D . -3.59 15.04 -9.53
C4N NDP D . -4.08 15.83 -5.63
C5N NDP D . -4.36 17.10 -4.85
C6N NDP D . -3.83 18.43 -5.34
P2B NDP D . -7.55 18.93 -21.14
O1X NDP D . -6.04 18.88 -21.07
O2X NDP D . -8.10 17.54 -21.08
O3X NDP D . -8.00 19.60 -22.41
MG MG E . -1.05 16.13 -2.08
MG MG F . 0.74 17.97 -5.14
MG MG G . -18.16 36.24 -9.79
C10 WBY H . -1.81 9.56 -7.02
C02 WBY H . -1.22 14.39 -4.50
C04 WBY H . -0.28 15.72 -6.41
C06 WBY H . -0.86 13.27 -6.75
C07 WBY H . -1.29 13.17 -5.41
C09 WBY H . -1.54 11.00 -6.60
N03 WBY H . -0.71 15.63 -5.02
N05 WBY H . -0.35 14.54 -7.27
N11 WBY H . -1.01 11.97 -7.46
O01 WBY H . -1.57 14.33 -3.38
O12 WBY H . 0.13 16.74 -6.84
O13 WBY H . -0.64 16.76 -4.19
S08 WBY H . -1.80 11.66 -5.11
C10 WBY I . -1.01 -9.96 7.65
C02 WBY I . 2.92 -12.65 4.99
C04 WBY I . 4.36 -13.34 6.93
C06 WBY I . 2.24 -11.99 7.33
C07 WBY I . 1.96 -11.97 5.95
C09 WBY I . 0.21 -10.76 7.21
N03 WBY I . 4.08 -13.32 5.50
N05 WBY I . 3.44 -12.67 7.85
N11 WBY I . 1.18 -11.26 8.09
O01 WBY I . 2.69 -12.64 3.83
O12 WBY I . 5.32 -13.88 7.34
O13 WBY I . 4.98 -13.95 4.63
S08 WBY I . 0.60 -11.15 5.67
MG MG J . 4.21 -13.47 2.65
MG MG K . 6.71 -14.33 5.91
#